data_2OJV
#
_entry.id   2OJV
#
_cell.length_a   54.197
_cell.length_b   80.811
_cell.length_c   77.047
_cell.angle_alpha   90.00
_cell.angle_beta   102.96
_cell.angle_gamma   90.00
#
_symmetry.space_group_name_H-M   'P 1 21 1'
#
loop_
_entity.id
_entity.type
_entity.pdbx_description
1 polymer Lactoperoxidase
2 branched alpha-D-mannopyranose-(1-4)-2-acetamido-2-deoxy-beta-D-glucopyranose-(1-4)-2-acetamido-2-deoxy-beta-D-glucopyranose
3 branched 2-acetamido-2-deoxy-beta-D-glucopyranose-(1-4)-2-acetamido-2-deoxy-beta-D-glucopyranose
4 non-polymer 'CALCIUM ION'
5 non-polymer 'CYANIDE ION'
6 non-polymer 'CARBONATE ION'
7 non-polymer 'IODIDE ION'
8 non-polymer 'PROTOPORPHYRIN IX CONTAINING FE'
9 water water
#
_entity_poly.entity_id   1
_entity_poly.type   'polypeptide(L)'
_entity_poly.pdbx_seq_one_letter_code
;SWEVGCGAPVPLVTCDEQSPYRTITGDCNNRRSPALGAANRALARWLPAEYEDGLAVPFGWTQRKTRNGFRVPLAREVSN
KIVGYLDEEGVLDQNRSLLFMQWGQIVDHDLDFAPETELGSSEHSKVQCEEYCVQGDECFPIMFPKNDPKLKTQGKCMPF
FRAGFVCPTPPYQSLARDQINAVTSFLDASLVYGSEPSLASRLRNLSSPLGLMAVNQEAWDHGLAYPPFNNVKPSPCEFI
NTTAHVPCFQAGDSRASEQILLATVHTLLLREHNRLARELKRLNPHWDGEMLYQEARKILGAFIQIITFRDYLPIVLGSE
MQKWIPPYQGYNNSVDPRISNVFTFAFRFGHMEVPSTVSRLDENYQPWGPEAELPLHTLFFNTWRIIKDGGIDPLVRGLL
AKNSKLMNQNKMVTSELRNKLFQPTHKVHGFDLAAINLQRCRDHGMPGYNSWRGFCGLSQPKTLKGLQAVLKNKVLAKKL
LDLYKTPDNIDIWIGGNAEPMVERGRVGPLLACLLGRQFQQIRDGDRFWWENPGVFTEKQRDSLQKVSFSRLICDNTHIT
KVPLHAFQANNYPHDFVDCSAVDKLDLSPWASREN
;
_entity_poly.pdbx_strand_id   A
#
loop_
_chem_comp.id
_chem_comp.type
_chem_comp.name
_chem_comp.formula
CA non-polymer 'CALCIUM ION' 'Ca 2'
CO3 non-polymer 'CARBONATE ION' 'C O3 -2'
CYN non-polymer 'CYANIDE ION' 'C N -1'
HEM non-polymer 'PROTOPORPHYRIN IX CONTAINING FE' 'C34 H32 Fe N4 O4'
IOD non-polymer 'IODIDE ION' 'I -1'
MAN D-saccharide, alpha linking alpha-D-mannopyranose 'C6 H12 O6'
NAG D-saccharide, beta linking 2-acetamido-2-deoxy-beta-D-glucopyranose 'C8 H15 N O6'
#
# COMPACT_ATOMS: atom_id res chain seq x y z
N SER A 1 -32.42 -7.02 5.78
CA SER A 1 -31.02 -7.36 5.40
C SER A 1 -30.72 -8.85 5.48
N TRP A 2 -29.43 -9.16 5.39
CA TRP A 2 -28.87 -10.47 5.61
C TRP A 2 -28.04 -10.17 6.89
N GLU A 3 -27.60 -11.11 7.72
CA GLU A 3 -26.98 -10.79 9.08
C GLU A 3 -26.24 -9.51 9.34
N VAL A 4 -26.60 -8.83 10.44
CA VAL A 4 -25.94 -7.60 10.80
C VAL A 4 -24.80 -7.91 11.75
N GLY A 5 -24.74 -9.17 12.22
CA GLY A 5 -23.72 -9.54 13.20
C GLY A 5 -22.83 -10.70 12.75
N CYS A 6 -22.48 -10.71 11.48
CA CYS A 6 -21.73 -11.84 10.97
C CYS A 6 -20.23 -11.72 10.98
N GLY A 7 -19.60 -12.90 10.95
CA GLY A 7 -18.11 -12.99 10.81
C GLY A 7 -17.14 -13.85 11.70
N ALA A 8 -15.81 -13.86 11.24
CA ALA A 8 -14.61 -14.53 11.81
C ALA A 8 -13.36 -13.61 12.18
N PRO A 9 -13.65 -12.69 13.09
CA PRO A 9 -12.69 -11.76 13.74
C PRO A 9 -11.63 -12.36 14.60
N VAL A 10 -11.03 -11.49 15.31
CA VAL A 10 -10.18 -12.06 16.31
C VAL A 10 -11.07 -12.15 17.56
N PRO A 11 -11.28 -13.38 18.06
CA PRO A 11 -12.11 -13.56 19.25
C PRO A 11 -12.05 -12.93 20.62
N LEU A 12 -11.14 -12.94 21.51
CA LEU A 12 -11.96 -12.54 22.68
C LEU A 12 -11.89 -11.19 23.37
N VAL A 13 -11.33 -10.26 22.70
CA VAL A 13 -11.01 -8.90 23.17
C VAL A 13 -11.98 -7.88 23.85
N THR A 14 -11.69 -7.25 24.99
CA THR A 14 -12.62 -6.23 25.52
C THR A 14 -11.84 -4.92 25.76
N CYS A 15 -12.57 -3.84 25.62
CA CYS A 15 -12.07 -2.51 25.70
C CYS A 15 -11.75 -2.00 27.11
N ASP A 16 -10.57 -1.40 27.28
CA ASP A 16 -10.14 -0.84 28.55
C ASP A 16 -10.93 0.45 28.85
N GLU A 17 -11.17 1.27 27.83
CA GLU A 17 -12.09 2.42 27.94
C GLU A 17 -11.63 3.69 28.64
N GLN A 18 -10.44 3.69 29.10
CA GLN A 18 -9.86 4.82 29.71
C GLN A 18 -8.30 4.62 29.58
N SER A 19 -7.87 3.77 28.59
CA SER A 19 -6.47 3.41 28.24
C SER A 19 -5.94 4.37 27.19
N PRO A 20 -4.72 4.88 27.40
CA PRO A 20 -4.10 5.84 26.48
C PRO A 20 -3.77 5.26 25.12
N TYR A 21 -3.84 3.94 24.96
CA TYR A 21 -3.25 3.33 23.79
C TYR A 21 -4.19 2.66 22.85
N ARG A 22 -3.87 2.70 21.56
CA ARG A 22 -4.67 2.00 20.57
C ARG A 22 -4.56 0.52 20.86
N THR A 23 -5.56 -0.27 20.52
CA THR A 23 -5.28 -1.69 20.59
C THR A 23 -4.49 -2.06 19.32
N ILE A 24 -3.93 -3.25 19.29
CA ILE A 24 -3.25 -3.74 18.09
C ILE A 24 -4.22 -4.02 16.91
N THR A 25 -5.41 -4.52 17.21
CA THR A 25 -6.38 -4.92 16.18
C THR A 25 -7.27 -3.80 15.69
N GLY A 26 -7.28 -2.69 16.42
CA GLY A 26 -8.08 -1.57 16.02
C GLY A 26 -9.40 -1.51 16.73
N ASP A 27 -9.73 -2.57 17.46
CA ASP A 27 -10.96 -2.61 18.27
C ASP A 27 -10.86 -1.54 19.33
N CYS A 28 -12.02 -1.12 19.83
CA CYS A 28 -12.10 -0.15 20.90
C CYS A 28 -11.78 1.29 20.51
N ASN A 29 -11.57 1.55 19.24
CA ASN A 29 -11.33 2.92 18.81
C ASN A 29 -12.63 3.67 19.00
N ASN A 30 -13.69 3.17 18.35
CA ASN A 30 -15.04 3.72 18.48
C ASN A 30 -15.69 3.09 19.69
N ARG A 31 -16.03 3.93 20.65
CA ARG A 31 -16.57 3.37 21.88
C ARG A 31 -17.89 2.67 21.66
N ARG A 32 -18.76 3.34 20.94
CA ARG A 32 -20.10 2.87 20.64
C ARG A 32 -20.22 1.62 19.79
N SER A 33 -19.27 1.44 18.87
CA SER A 33 -19.28 0.31 17.97
C SER A 33 -17.81 -0.17 17.82
N PRO A 34 -17.35 -0.89 18.83
CA PRO A 34 -15.95 -1.34 18.94
C PRO A 34 -15.28 -2.00 17.76
N ALA A 35 -15.98 -2.71 16.90
CA ALA A 35 -15.31 -3.38 15.81
C ALA A 35 -15.01 -2.46 14.63
N LEU A 36 -15.57 -1.26 14.62
CA LEU A 36 -15.41 -0.32 13.51
C LEU A 36 -13.94 0.02 13.25
N GLY A 37 -13.41 -0.35 12.08
CA GLY A 37 -12.04 -0.06 11.77
C GLY A 37 -11.09 -1.20 12.14
N ALA A 38 -11.57 -2.15 12.93
CA ALA A 38 -10.75 -3.27 13.34
C ALA A 38 -10.35 -4.09 12.16
N ALA A 39 -9.24 -4.79 12.32
CA ALA A 39 -8.70 -5.65 11.31
C ALA A 39 -9.49 -6.95 11.22
N ASN A 40 -9.26 -7.68 10.13
CA ASN A 40 -9.93 -8.95 9.84
C ASN A 40 -11.44 -8.88 9.81
N ARG A 41 -11.95 -7.76 9.32
CA ARG A 41 -13.37 -7.54 9.11
C ARG A 41 -13.55 -7.19 7.63
N ALA A 42 -14.80 -7.12 7.20
CA ALA A 42 -15.07 -6.82 5.81
C ALA A 42 -14.74 -5.39 5.46
N LEU A 43 -14.23 -5.22 4.25
CA LEU A 43 -14.06 -3.91 3.66
C LEU A 43 -15.47 -3.36 3.54
N ALA A 44 -15.63 -2.05 3.72
CA ALA A 44 -16.94 -1.42 3.63
C ALA A 44 -17.41 -1.31 2.18
N ARG A 45 -18.73 -1.26 1.97
CA ARG A 45 -19.26 -1.01 0.66
C ARG A 45 -19.96 0.36 0.61
N TRP A 46 -19.39 1.26 -0.17
CA TRP A 46 -20.00 2.57 -0.37
C TRP A 46 -21.14 2.48 -1.40
N LEU A 47 -21.08 1.43 -2.24
CA LEU A 47 -22.14 1.09 -3.19
C LEU A 47 -22.31 -0.43 -3.24
N PRO A 48 -23.51 -0.90 -3.60
CA PRO A 48 -23.79 -2.33 -3.62
C PRO A 48 -22.90 -3.05 -4.60
N ALA A 49 -22.58 -4.31 -4.31
CA ALA A 49 -21.69 -5.06 -5.16
C ALA A 49 -22.28 -5.49 -6.49
N GLU A 50 -21.43 -5.64 -7.51
CA GLU A 50 -21.91 -6.06 -8.81
C GLU A 50 -21.26 -7.39 -9.17
N TYR A 51 -22.08 -8.41 -9.19
CA TYR A 51 -21.62 -9.74 -9.51
C TYR A 51 -22.49 -10.24 -10.62
N GLU A 52 -21.95 -11.16 -11.39
CA GLU A 52 -22.64 -11.81 -12.49
C GLU A 52 -23.97 -12.46 -12.00
N ASP A 53 -23.97 -13.09 -10.84
CA ASP A 53 -25.19 -13.73 -10.37
C ASP A 53 -25.73 -12.96 -9.15
N GLY A 54 -25.33 -11.70 -9.04
CA GLY A 54 -25.80 -10.84 -7.97
C GLY A 54 -25.22 -11.10 -6.59
N LEU A 55 -24.43 -12.15 -6.42
CA LEU A 55 -23.94 -12.51 -5.10
C LEU A 55 -22.44 -12.73 -4.91
N ALA A 56 -21.82 -13.37 -5.87
CA ALA A 56 -20.43 -13.71 -5.66
C ALA A 56 -19.66 -14.04 -6.91
N VAL A 57 -20.35 -14.28 -8.02
CA VAL A 57 -19.67 -14.70 -9.25
C VAL A 57 -19.30 -13.45 -9.98
N PRO A 58 -18.02 -13.30 -10.29
CA PRO A 58 -17.53 -12.06 -10.87
C PRO A 58 -17.89 -11.98 -12.31
N PHE A 59 -17.96 -10.78 -12.86
CA PHE A 59 -18.19 -10.61 -14.28
C PHE A 59 -16.94 -11.12 -14.99
N GLY A 60 -17.11 -11.84 -16.09
CA GLY A 60 -16.00 -12.38 -16.84
C GLY A 60 -15.94 -13.89 -16.66
N TRP A 61 -16.55 -14.40 -15.59
CA TRP A 61 -16.57 -15.83 -15.29
C TRP A 61 -17.29 -16.70 -16.31
N THR A 62 -18.56 -16.41 -16.57
CA THR A 62 -19.34 -17.25 -17.47
C THR A 62 -19.23 -16.65 -18.84
N GLN A 63 -19.13 -17.45 -19.88
CA GLN A 63 -18.68 -16.82 -21.10
C GLN A 63 -19.82 -16.16 -21.89
N ARG A 64 -21.02 -16.70 -21.68
CA ARG A 64 -22.24 -16.30 -22.35
C ARG A 64 -22.98 -15.18 -21.63
N LYS A 65 -22.58 -14.89 -20.39
CA LYS A 65 -23.18 -13.83 -19.61
C LYS A 65 -22.62 -12.50 -20.08
N THR A 66 -23.41 -11.45 -20.07
CA THR A 66 -22.90 -10.14 -20.44
C THR A 66 -22.98 -9.21 -19.24
N ARG A 67 -22.41 -8.04 -19.38
CA ARG A 67 -22.57 -6.98 -18.42
C ARG A 67 -23.15 -5.88 -19.26
N ASN A 68 -24.41 -5.56 -19.05
CA ASN A 68 -25.10 -4.52 -19.80
C ASN A 68 -25.20 -4.80 -21.30
N GLY A 69 -25.28 -6.07 -21.65
CA GLY A 69 -25.38 -6.39 -23.05
C GLY A 69 -24.06 -6.79 -23.72
N PHE A 70 -22.91 -6.63 -23.06
CA PHE A 70 -21.66 -6.98 -23.76
C PHE A 70 -20.71 -7.86 -22.99
N ARG A 71 -19.87 -8.58 -23.71
CA ARG A 71 -18.81 -9.34 -23.05
C ARG A 71 -17.83 -8.40 -22.38
N VAL A 72 -17.34 -8.76 -21.20
CA VAL A 72 -16.28 -7.98 -20.62
C VAL A 72 -15.04 -8.48 -21.29
N PRO A 73 -14.14 -7.58 -21.65
CA PRO A 73 -12.87 -7.96 -22.28
C PRO A 73 -11.89 -8.60 -21.29
N LEU A 74 -10.96 -9.42 -21.78
CA LEU A 74 -9.97 -10.05 -20.92
C LEU A 74 -9.00 -9.04 -20.30
N ALA A 75 -8.68 -9.23 -19.03
CA ALA A 75 -7.81 -8.32 -18.35
C ALA A 75 -6.48 -8.15 -19.12
N ARG A 76 -5.89 -9.24 -19.56
CA ARG A 76 -4.62 -9.15 -20.24
C ARG A 76 -4.72 -8.41 -21.57
N GLU A 77 -5.85 -8.53 -22.25
CA GLU A 77 -5.99 -7.80 -23.51
C GLU A 77 -6.02 -6.29 -23.27
N VAL A 78 -6.78 -5.87 -22.27
CA VAL A 78 -6.86 -4.47 -21.90
C VAL A 78 -5.45 -4.03 -21.53
N SER A 79 -4.75 -4.90 -20.82
CA SER A 79 -3.39 -4.59 -20.46
C SER A 79 -2.52 -4.39 -21.70
N ASN A 80 -2.55 -5.35 -22.63
CA ASN A 80 -1.70 -5.25 -23.82
C ASN A 80 -2.00 -4.00 -24.64
N LYS A 81 -3.28 -3.64 -24.75
CA LYS A 81 -3.68 -2.57 -25.68
C LYS A 81 -3.67 -1.17 -25.11
N ILE A 82 -4.01 -1.05 -23.85
CA ILE A 82 -4.10 0.26 -23.25
C ILE A 82 -2.88 0.55 -22.41
N VAL A 83 -2.51 -0.39 -21.55
CA VAL A 83 -1.51 -0.16 -20.49
C VAL A 83 -0.02 -0.26 -20.82
N GLY A 84 0.38 -1.08 -21.78
CA GLY A 84 1.79 -1.21 -22.06
C GLY A 84 2.39 -0.11 -22.91
N TYR A 85 3.71 0.00 -22.84
CA TYR A 85 4.48 0.88 -23.72
C TYR A 85 5.91 0.33 -23.72
N LEU A 86 6.71 0.82 -24.64
CA LEU A 86 8.05 0.31 -24.79
C LEU A 86 9.10 1.29 -24.34
N ASP A 87 8.98 2.56 -24.72
CA ASP A 87 10.07 3.50 -24.46
C ASP A 87 10.01 4.22 -23.11
N GLU A 88 10.95 3.93 -22.21
CA GLU A 88 10.97 4.50 -20.86
C GLU A 88 11.46 5.93 -20.83
N GLU A 89 11.80 6.47 -21.99
CA GLU A 89 12.30 7.81 -22.05
C GLU A 89 11.23 8.78 -21.85
N GLY A 90 11.58 9.86 -21.19
CA GLY A 90 10.69 10.96 -20.95
C GLY A 90 9.53 10.67 -20.03
N VAL A 91 9.54 9.54 -19.33
CA VAL A 91 8.40 9.22 -18.45
C VAL A 91 8.57 9.70 -17.03
N LEU A 92 9.74 10.23 -16.66
CA LEU A 92 9.94 10.59 -15.27
C LEU A 92 9.14 11.85 -14.88
N ASP A 93 8.78 11.93 -13.61
CA ASP A 93 8.04 13.04 -13.05
C ASP A 93 9.11 14.05 -12.71
N GLN A 94 9.08 15.20 -13.35
CA GLN A 94 10.04 16.27 -13.12
C GLN A 94 9.94 16.94 -11.72
N ASN A 95 8.80 16.85 -11.03
CA ASN A 95 8.69 17.43 -9.69
C ASN A 95 8.18 16.47 -8.57
N ARG A 96 8.51 15.19 -8.66
CA ARG A 96 8.23 14.24 -7.57
C ARG A 96 9.39 13.29 -7.44
N SER A 97 9.95 13.17 -6.24
CA SER A 97 11.04 12.23 -6.02
C SER A 97 10.53 10.78 -5.99
N LEU A 98 11.45 9.82 -5.95
CA LEU A 98 11.07 8.41 -5.94
C LEU A 98 10.38 8.11 -4.61
N LEU A 99 10.71 8.89 -3.59
CA LEU A 99 10.07 8.73 -2.29
C LEU A 99 8.55 9.04 -2.38
N PHE A 100 8.14 9.82 -3.35
CA PHE A 100 6.72 10.06 -3.54
C PHE A 100 5.98 8.74 -3.84
N MET A 101 6.52 7.94 -4.74
CA MET A 101 5.91 6.64 -5.05
C MET A 101 5.92 5.73 -3.81
N GLN A 102 7.09 5.57 -3.25
CA GLN A 102 7.35 4.71 -2.11
C GLN A 102 6.53 4.99 -0.84
N TRP A 103 6.21 6.25 -0.55
CA TRP A 103 5.40 6.54 0.63
C TRP A 103 3.94 6.11 0.39
N GLY A 104 3.46 6.34 -0.84
CA GLY A 104 2.16 5.85 -1.24
C GLY A 104 2.00 4.40 -0.84
N GLN A 105 2.98 3.56 -1.18
CA GLN A 105 2.95 2.15 -0.86
C GLN A 105 2.94 1.81 0.66
N ILE A 106 3.74 2.55 1.43
CA ILE A 106 3.72 2.48 2.87
C ILE A 106 2.31 2.78 3.41
N VAL A 107 1.77 3.93 3.01
CA VAL A 107 0.45 4.32 3.53
C VAL A 107 -0.57 3.23 3.19
N ASP A 108 -0.58 2.79 1.97
CA ASP A 108 -1.45 1.75 1.49
C ASP A 108 -1.44 0.49 2.36
N HIS A 109 -0.22 0.00 2.65
CA HIS A 109 -0.02 -1.20 3.47
C HIS A 109 -0.48 -0.99 4.85
N ASP A 110 -0.45 0.25 5.32
CA ASP A 110 -0.98 0.50 6.64
C ASP A 110 -2.49 0.41 6.67
N LEU A 111 -3.13 0.63 5.52
CA LEU A 111 -4.58 0.75 5.50
C LEU A 111 -5.37 -0.46 5.06
N ASP A 112 -4.84 -1.24 4.09
CA ASP A 112 -5.63 -2.33 3.56
C ASP A 112 -4.86 -3.47 2.97
N PHE A 113 -5.24 -4.69 3.31
CA PHE A 113 -4.66 -5.89 2.71
C PHE A 113 -5.82 -6.83 2.45
N ALA A 114 -6.00 -7.32 1.24
CA ALA A 114 -7.07 -8.30 1.03
C ALA A 114 -6.48 -9.65 0.63
N PRO A 115 -6.15 -10.50 1.60
CA PRO A 115 -5.51 -11.81 1.35
C PRO A 115 -6.23 -12.77 0.43
N GLU A 116 -5.47 -13.72 -0.07
CA GLU A 116 -6.00 -14.67 -1.01
C GLU A 116 -6.44 -15.86 -0.21
N THR A 117 -7.07 -16.78 -0.90
CA THR A 117 -7.62 -17.94 -0.24
C THR A 117 -6.66 -19.14 -0.23
N GLU A 118 -6.80 -19.98 0.80
CA GLU A 118 -6.14 -21.29 0.80
C GLU A 118 -7.11 -22.41 1.10
N LEU A 119 -7.27 -22.77 2.37
CA LEU A 119 -8.08 -23.94 2.68
C LEU A 119 -7.39 -25.03 1.85
N GLY A 120 -6.06 -24.90 1.79
CA GLY A 120 -5.21 -25.79 1.02
C GLY A 120 -3.85 -25.98 1.68
N SER A 121 -3.82 -26.70 2.79
CA SER A 121 -2.61 -26.94 3.61
C SER A 121 -1.59 -27.74 2.82
N SER A 122 -2.15 -28.16 1.72
CA SER A 122 -1.57 -28.97 0.68
C SER A 122 -2.67 -28.99 -0.32
N GLU A 123 -2.43 -28.37 -1.40
CA GLU A 123 -3.48 -28.44 -2.30
C GLU A 123 -2.95 -29.04 -3.54
N HIS A 124 -3.84 -29.42 -4.44
CA HIS A 124 -3.48 -30.01 -5.69
C HIS A 124 -4.17 -29.30 -6.84
N SER A 125 -5.04 -28.37 -6.46
CA SER A 125 -5.73 -27.54 -7.44
C SER A 125 -4.91 -26.29 -7.55
N LYS A 126 -4.19 -26.02 -6.45
CA LYS A 126 -3.24 -24.94 -6.42
C LYS A 126 -2.31 -25.20 -7.59
N VAL A 127 -2.37 -26.44 -8.08
CA VAL A 127 -1.59 -26.86 -9.24
C VAL A 127 -2.51 -27.02 -10.45
N GLN A 128 -3.79 -27.25 -10.20
CA GLN A 128 -4.74 -27.31 -11.30
C GLN A 128 -5.01 -25.93 -11.88
N CYS A 129 -4.75 -24.89 -11.07
CA CYS A 129 -4.91 -23.52 -11.52
C CYS A 129 -3.69 -23.10 -12.33
N GLU A 130 -2.51 -23.44 -11.82
CA GLU A 130 -1.26 -23.10 -12.47
C GLU A 130 -1.02 -23.91 -13.72
N GLU A 131 -0.92 -25.22 -13.51
CA GLU A 131 -0.65 -26.19 -14.57
C GLU A 131 -1.66 -26.22 -15.70
N TYR A 132 -2.95 -26.16 -15.37
CA TYR A 132 -3.96 -26.33 -16.41
C TYR A 132 -4.93 -25.17 -16.74
N CYS A 133 -4.91 -24.07 -16.00
CA CYS A 133 -5.77 -22.94 -16.34
C CYS A 133 -7.24 -23.29 -16.26
N VAL A 134 -7.58 -24.17 -15.32
CA VAL A 134 -8.95 -24.58 -15.19
C VAL A 134 -9.65 -23.67 -14.20
N GLN A 135 -10.67 -22.99 -14.70
CA GLN A 135 -11.48 -22.10 -13.85
C GLN A 135 -12.35 -22.90 -12.92
N GLY A 136 -12.53 -22.44 -11.71
CA GLY A 136 -13.32 -23.25 -10.80
C GLY A 136 -13.02 -23.01 -9.33
N ASP A 137 -14.08 -22.85 -8.57
CA ASP A 137 -13.89 -22.53 -7.19
C ASP A 137 -12.94 -21.33 -7.20
N GLU A 138 -12.06 -21.22 -6.25
CA GLU A 138 -11.34 -19.96 -6.16
C GLU A 138 -10.20 -19.71 -7.21
N CYS A 139 -10.16 -20.51 -8.26
CA CYS A 139 -9.24 -20.31 -9.35
C CYS A 139 -9.98 -19.57 -10.44
N PHE A 140 -9.49 -18.39 -10.77
CA PHE A 140 -10.14 -17.48 -11.71
C PHE A 140 -9.00 -16.97 -12.60
N PRO A 141 -8.54 -17.84 -13.50
CA PRO A 141 -7.32 -17.59 -14.29
C PRO A 141 -7.34 -16.37 -15.25
N ILE A 142 -6.20 -15.71 -15.42
CA ILE A 142 -6.14 -14.65 -16.40
C ILE A 142 -5.68 -15.28 -17.70
N MET A 143 -6.60 -15.42 -18.64
CA MET A 143 -6.35 -16.09 -19.91
C MET A 143 -5.60 -15.15 -20.85
N PHE A 144 -4.66 -15.66 -21.64
CA PHE A 144 -3.96 -14.82 -22.61
C PHE A 144 -4.79 -14.68 -23.88
N PRO A 145 -4.80 -13.49 -24.47
CA PRO A 145 -5.47 -13.30 -25.75
C PRO A 145 -4.64 -13.81 -26.92
N LYS A 146 -5.32 -13.90 -28.06
CA LYS A 146 -4.76 -14.30 -29.34
C LYS A 146 -3.62 -13.33 -29.67
N ASN A 147 -2.45 -13.87 -29.98
CA ASN A 147 -1.35 -13.02 -30.38
C ASN A 147 -0.66 -12.37 -29.21
N ASP A 148 -0.65 -13.02 -28.02
CA ASP A 148 0.04 -12.54 -26.86
C ASP A 148 1.34 -13.33 -26.85
N PRO A 149 2.49 -12.64 -26.84
CA PRO A 149 3.79 -13.33 -26.84
C PRO A 149 3.98 -14.30 -25.66
N LYS A 150 3.24 -14.14 -24.57
CA LYS A 150 3.41 -15.04 -23.43
C LYS A 150 2.86 -16.43 -23.72
N LEU A 151 1.94 -16.48 -24.68
CA LEU A 151 1.49 -17.74 -25.18
C LEU A 151 2.68 -18.62 -25.60
N LYS A 152 3.59 -18.02 -26.35
CA LYS A 152 4.71 -18.76 -26.92
C LYS A 152 5.62 -19.28 -25.87
N THR A 153 5.56 -18.65 -24.72
CA THR A 153 6.60 -18.82 -23.74
C THR A 153 6.13 -19.22 -22.35
N GLN A 154 4.86 -18.97 -22.07
CA GLN A 154 4.41 -19.12 -20.71
C GLN A 154 3.33 -20.12 -20.46
N GLY A 155 2.46 -20.31 -21.43
CA GLY A 155 1.36 -21.22 -21.27
C GLY A 155 0.12 -20.51 -21.72
N LYS A 156 -1.03 -20.96 -21.25
CA LYS A 156 -2.27 -20.37 -21.66
C LYS A 156 -2.79 -19.30 -20.70
N CYS A 157 -2.21 -19.22 -19.50
CA CYS A 157 -2.76 -18.28 -18.54
C CYS A 157 -1.79 -17.88 -17.47
N MET A 158 -2.23 -16.97 -16.62
CA MET A 158 -1.55 -16.68 -15.39
C MET A 158 -2.54 -17.12 -14.32
N PRO A 159 -2.09 -17.90 -13.36
CA PRO A 159 -3.00 -18.33 -12.30
C PRO A 159 -3.36 -17.11 -11.45
N PHE A 160 -4.52 -17.18 -10.79
CA PHE A 160 -5.04 -16.08 -10.03
C PHE A 160 -6.09 -16.68 -9.13
N PHE A 161 -5.99 -16.39 -7.83
CA PHE A 161 -6.88 -16.91 -6.83
C PHE A 161 -7.65 -15.80 -6.20
N ARG A 162 -8.95 -16.05 -6.05
CA ARG A 162 -9.87 -15.07 -5.55
C ARG A 162 -9.54 -14.64 -4.15
N ALA A 163 -9.91 -13.41 -3.85
CA ALA A 163 -9.65 -12.81 -2.56
C ALA A 163 -10.45 -13.45 -1.46
N GLY A 164 -9.84 -13.55 -0.26
CA GLY A 164 -10.54 -14.13 0.93
C GLY A 164 -11.83 -13.31 1.22
N PHE A 165 -12.75 -13.74 2.08
CA PHE A 165 -13.99 -12.99 2.28
C PHE A 165 -14.55 -13.38 3.65
N VAL A 166 -15.40 -12.57 4.20
CA VAL A 166 -15.88 -12.74 5.56
C VAL A 166 -16.80 -13.89 5.90
N CYS A 167 -17.27 -13.72 7.15
CA CYS A 167 -17.95 -14.77 7.74
C CYS A 167 -16.91 -15.89 7.60
N PRO A 168 -17.28 -17.00 6.93
CA PRO A 168 -16.29 -18.10 6.72
C PRO A 168 -14.98 -17.91 6.03
N THR A 169 -14.70 -19.01 5.33
CA THR A 169 -13.61 -19.20 4.40
C THR A 169 -14.27 -20.10 3.26
N PRO A 170 -15.30 -20.97 3.68
CA PRO A 170 -16.22 -21.91 2.80
C PRO A 170 -17.07 -21.31 1.59
N PRO A 171 -17.48 -22.08 0.50
CA PRO A 171 -18.19 -21.41 -0.70
C PRO A 171 -19.33 -20.43 -0.39
N TYR A 172 -20.25 -20.91 0.46
CA TYR A 172 -21.31 -20.16 1.03
C TYR A 172 -22.57 -19.82 0.35
N GLN A 173 -23.24 -18.84 1.03
CA GLN A 173 -24.49 -18.33 0.56
C GLN A 173 -25.27 -17.42 1.60
N SER A 174 -24.82 -16.15 2.02
CA SER A 174 -25.67 -15.26 2.79
C SER A 174 -25.76 -14.04 1.90
N LEU A 175 -25.36 -12.92 2.44
CA LEU A 175 -25.33 -11.63 1.78
C LEU A 175 -24.41 -11.62 0.53
N ALA A 176 -24.35 -10.56 -0.30
CA ALA A 176 -23.38 -10.60 -1.34
C ALA A 176 -22.01 -10.73 -0.69
N ARG A 177 -21.11 -11.38 -1.42
CA ARG A 177 -19.76 -11.62 -0.95
C ARG A 177 -18.94 -10.36 -0.68
N ASP A 178 -18.38 -10.26 0.53
CA ASP A 178 -17.58 -9.11 0.94
C ASP A 178 -16.15 -9.55 1.26
N GLN A 179 -15.17 -8.90 0.65
CA GLN A 179 -13.76 -9.25 0.88
C GLN A 179 -13.28 -8.75 2.25
N ILE A 180 -12.20 -9.33 2.75
CA ILE A 180 -11.70 -8.97 4.08
C ILE A 180 -10.59 -7.93 4.07
N ASN A 181 -10.51 -7.14 5.14
CA ASN A 181 -9.39 -6.26 5.33
C ASN A 181 -8.66 -6.79 6.53
N ALA A 182 -7.50 -7.39 6.27
CA ALA A 182 -6.71 -8.06 7.27
C ALA A 182 -5.87 -7.11 8.09
N VAL A 183 -5.91 -5.80 7.78
CA VAL A 183 -5.17 -4.83 8.59
C VAL A 183 -6.16 -3.81 9.15
N THR A 184 -5.71 -2.99 10.10
CA THR A 184 -6.55 -1.96 10.66
C THR A 184 -6.75 -0.75 9.72
N SER A 185 -7.97 -0.23 9.68
CA SER A 185 -8.32 0.91 8.82
C SER A 185 -7.65 2.23 9.23
N PHE A 186 -7.25 2.35 10.49
CA PHE A 186 -6.58 3.57 10.99
C PHE A 186 -5.13 3.63 10.55
N LEU A 187 -4.64 4.84 10.31
CA LEU A 187 -3.26 5.08 9.95
C LEU A 187 -2.55 5.05 11.29
N ASP A 188 -2.02 3.89 11.65
CA ASP A 188 -1.56 3.70 13.00
C ASP A 188 -0.28 2.91 13.09
N ALA A 189 0.42 2.85 11.98
CA ALA A 189 1.66 2.08 11.88
C ALA A 189 1.46 0.57 12.13
N SER A 190 0.28 0.06 11.78
CA SER A 190 0.06 -1.36 11.88
C SER A 190 1.05 -2.11 10.98
N LEU A 191 1.60 -1.43 10.00
CA LEU A 191 2.55 -2.12 9.12
C LEU A 191 3.88 -2.36 9.80
N VAL A 192 4.15 -1.67 10.91
CA VAL A 192 5.37 -1.92 11.66
C VAL A 192 5.12 -2.86 12.85
N TYR A 193 3.93 -2.75 13.43
CA TYR A 193 3.67 -3.46 14.66
C TYR A 193 2.87 -4.73 14.51
N GLY A 194 2.12 -4.84 13.42
CA GLY A 194 1.26 -6.00 13.20
C GLY A 194 -0.17 -5.61 13.47
N SER A 195 -1.11 -6.41 13.00
CA SER A 195 -2.54 -6.19 13.25
C SER A 195 -3.15 -7.30 14.08
N GLU A 196 -2.35 -8.28 14.45
CA GLU A 196 -2.79 -9.37 15.31
C GLU A 196 -1.82 -9.48 16.46
N PRO A 197 -2.37 -9.88 17.60
CA PRO A 197 -1.65 -9.96 18.87
C PRO A 197 -0.51 -10.96 18.81
N SER A 198 -0.69 -12.03 18.08
CA SER A 198 0.34 -13.03 17.99
C SER A 198 1.55 -12.51 17.20
N LEU A 199 1.31 -11.88 16.05
CA LEU A 199 2.43 -11.39 15.25
C LEU A 199 3.11 -10.23 15.97
N ALA A 200 2.28 -9.37 16.57
CA ALA A 200 2.74 -8.20 17.29
C ALA A 200 3.67 -8.56 18.43
N SER A 201 3.33 -9.64 19.13
CA SER A 201 4.14 -10.07 20.24
C SER A 201 5.42 -10.75 19.80
N ARG A 202 5.42 -11.35 18.61
CA ARG A 202 6.57 -12.06 18.08
C ARG A 202 7.61 -11.10 17.56
N LEU A 203 7.16 -9.92 17.16
CA LEU A 203 8.04 -8.87 16.64
C LEU A 203 8.75 -8.11 17.72
N ARG A 204 8.30 -8.28 18.95
CA ARG A 204 8.87 -7.54 20.06
C ARG A 204 10.08 -8.21 20.71
N ASN A 205 10.94 -7.41 21.31
CA ASN A 205 12.07 -7.88 22.08
C ASN A 205 11.59 -7.92 23.52
N LEU A 206 11.11 -9.09 23.96
CA LEU A 206 10.61 -9.27 25.31
C LEU A 206 11.71 -9.82 26.22
N SER A 207 12.92 -9.94 25.70
CA SER A 207 13.99 -10.49 26.51
C SER A 207 14.52 -9.44 27.43
N SER A 208 14.20 -8.18 27.14
CA SER A 208 14.63 -7.08 27.98
C SER A 208 13.52 -6.06 28.19
N PRO A 209 13.56 -5.41 29.35
CA PRO A 209 12.58 -4.40 29.77
C PRO A 209 12.69 -3.08 28.99
N LEU A 210 13.20 -3.11 27.78
CA LEU A 210 13.45 -1.85 27.13
C LEU A 210 12.45 -1.41 26.07
N GLY A 211 11.36 -2.16 25.91
CA GLY A 211 10.36 -1.80 24.91
C GLY A 211 10.87 -1.71 23.46
N LEU A 212 11.79 -2.60 23.10
CA LEU A 212 12.37 -2.62 21.77
C LEU A 212 11.70 -3.66 20.87
N MET A 213 11.86 -3.45 19.57
CA MET A 213 11.42 -4.43 18.62
C MET A 213 12.63 -5.31 18.41
N ALA A 214 12.40 -6.58 18.15
CA ALA A 214 13.44 -7.53 17.86
C ALA A 214 14.16 -7.13 16.58
N VAL A 215 15.48 -7.28 16.54
CA VAL A 215 16.23 -6.98 15.33
C VAL A 215 16.95 -8.23 14.87
N ASN A 216 17.35 -8.30 13.63
CA ASN A 216 18.07 -9.44 13.09
C ASN A 216 19.40 -9.68 13.80
N GLN A 217 19.66 -10.92 14.12
CA GLN A 217 20.84 -11.27 14.92
C GLN A 217 22.00 -11.74 14.08
N GLU A 218 21.83 -11.88 12.83
CA GLU A 218 22.83 -12.37 11.90
C GLU A 218 23.46 -11.29 11.06
N ALA A 219 22.80 -10.14 10.89
CA ALA A 219 23.35 -9.12 10.01
C ALA A 219 23.18 -7.73 10.52
N TRP A 220 24.12 -6.88 10.19
CA TRP A 220 24.11 -5.50 10.65
C TRP A 220 24.47 -4.55 9.53
N ASP A 221 23.97 -3.33 9.60
CA ASP A 221 24.23 -2.30 8.59
C ASP A 221 25.03 -1.15 9.25
N HIS A 222 26.36 -1.34 9.29
CA HIS A 222 27.29 -0.39 9.92
C HIS A 222 26.92 -0.13 11.37
N GLY A 223 26.61 -1.18 12.11
CA GLY A 223 26.14 -1.03 13.47
C GLY A 223 24.64 -0.71 13.61
N LEU A 224 23.88 -0.67 12.50
CA LEU A 224 22.47 -0.35 12.62
C LEU A 224 21.71 -1.60 12.29
N ALA A 225 20.51 -1.73 12.86
CA ALA A 225 19.76 -2.96 12.77
C ALA A 225 18.96 -3.18 11.49
N TYR A 226 18.62 -4.44 11.28
CA TYR A 226 17.76 -4.87 10.21
C TYR A 226 16.57 -5.51 10.91
N PRO A 227 15.48 -5.72 10.21
CA PRO A 227 14.39 -6.50 10.79
C PRO A 227 14.87 -7.95 10.86
N PRO A 228 14.16 -8.69 11.73
CA PRO A 228 14.32 -10.17 11.75
C PRO A 228 14.21 -10.88 10.47
N PHE A 229 14.86 -12.00 10.37
CA PHE A 229 14.62 -12.79 9.19
C PHE A 229 13.32 -13.53 9.46
N ASN A 230 12.48 -13.74 8.42
CA ASN A 230 11.29 -14.58 8.50
C ASN A 230 11.79 -15.95 8.16
N ASN A 231 12.07 -16.75 9.18
CA ASN A 231 12.73 -18.04 8.99
C ASN A 231 11.81 -19.22 8.69
N VAL A 232 10.71 -18.95 7.98
CA VAL A 232 9.80 -19.98 7.51
C VAL A 232 10.15 -20.33 6.06
N LYS A 233 10.35 -21.62 5.80
CA LYS A 233 10.73 -22.10 4.48
C LYS A 233 9.51 -22.78 3.86
N PRO A 234 9.36 -22.74 2.53
CA PRO A 234 10.27 -22.10 1.58
C PRO A 234 10.07 -20.59 1.49
N SER A 235 11.17 -19.89 1.26
CA SER A 235 11.19 -18.44 1.22
C SER A 235 11.24 -17.91 -0.21
N PRO A 236 10.41 -16.94 -0.53
CA PRO A 236 10.47 -16.31 -1.85
C PRO A 236 11.82 -15.58 -2.02
N CYS A 237 12.33 -14.99 -0.95
CA CYS A 237 13.57 -14.23 -1.06
C CYS A 237 14.76 -15.12 -1.25
N GLU A 238 14.67 -16.35 -0.75
CA GLU A 238 15.74 -17.32 -0.96
C GLU A 238 15.67 -17.86 -2.38
N PHE A 239 14.47 -18.08 -2.88
CA PHE A 239 14.29 -18.62 -4.23
C PHE A 239 14.93 -17.80 -5.35
N ILE A 240 14.97 -16.48 -5.22
CA ILE A 240 15.50 -15.66 -6.30
C ILE A 240 17.03 -15.72 -6.40
N ASN A 241 17.69 -16.14 -5.36
CA ASN A 241 19.16 -16.35 -5.40
C ASN A 241 19.50 -17.52 -4.50
N THR A 242 19.26 -18.71 -5.05
CA THR A 242 19.50 -20.04 -4.45
C THR A 242 20.81 -20.05 -3.66
N THR A 243 21.72 -19.17 -4.06
CA THR A 243 23.07 -19.18 -3.55
C THR A 243 23.34 -18.24 -2.38
N ALA A 244 22.74 -17.05 -2.41
CA ALA A 244 22.93 -16.12 -1.32
C ALA A 244 22.22 -16.63 -0.07
N HIS A 245 21.13 -17.37 -0.22
CA HIS A 245 20.43 -17.89 0.97
C HIS A 245 20.03 -16.76 1.89
N VAL A 246 19.45 -15.69 1.35
CA VAL A 246 19.05 -14.58 2.20
C VAL A 246 17.52 -14.52 2.27
N PRO A 247 16.93 -14.74 3.44
CA PRO A 247 15.47 -14.77 3.57
C PRO A 247 14.86 -13.39 3.62
N CYS A 248 13.53 -13.38 3.53
CA CYS A 248 12.71 -12.18 3.67
C CYS A 248 12.72 -11.69 5.10
N PHE A 249 12.42 -10.40 5.23
CA PHE A 249 12.35 -9.75 6.51
C PHE A 249 11.02 -10.05 7.17
N GLN A 250 10.97 -9.93 8.50
CA GLN A 250 9.74 -10.08 9.24
C GLN A 250 9.31 -8.71 9.71
N ALA A 251 8.13 -8.30 9.29
CA ALA A 251 7.61 -7.02 9.70
C ALA A 251 6.14 -7.16 10.12
N GLY A 252 5.47 -6.08 10.47
CA GLY A 252 4.11 -6.15 10.95
C GLY A 252 3.15 -6.45 9.82
N ASP A 253 3.71 -6.44 8.62
CA ASP A 253 2.94 -6.64 7.43
C ASP A 253 3.70 -7.62 6.57
N SER A 254 2.97 -8.58 6.04
CA SER A 254 3.59 -9.66 5.27
C SER A 254 4.14 -9.26 3.90
N ARG A 255 3.73 -8.11 3.36
CA ARG A 255 4.27 -7.78 2.03
C ARG A 255 5.58 -7.04 2.07
N ALA A 256 6.11 -6.78 3.26
CA ALA A 256 7.29 -5.95 3.47
C ALA A 256 8.46 -6.12 2.48
N SER A 257 8.68 -7.35 2.05
CA SER A 257 9.78 -7.62 1.14
C SER A 257 9.42 -7.65 -0.34
N GLU A 258 8.19 -7.30 -0.67
CA GLU A 258 7.75 -7.28 -2.09
C GLU A 258 8.77 -6.61 -2.99
N GLN A 259 9.36 -5.49 -2.57
CA GLN A 259 10.42 -4.89 -3.35
C GLN A 259 11.41 -4.19 -2.42
N ILE A 260 12.63 -4.09 -2.89
CA ILE A 260 13.74 -3.61 -2.09
C ILE A 260 13.58 -2.24 -1.44
N LEU A 261 12.94 -1.31 -2.13
CA LEU A 261 12.79 0.01 -1.57
C LEU A 261 11.73 0.00 -0.45
N LEU A 262 10.76 -0.89 -0.59
CA LEU A 262 9.75 -1.06 0.45
C LEU A 262 10.42 -1.63 1.70
N ALA A 263 11.29 -2.63 1.51
CA ALA A 263 12.01 -3.28 2.62
C ALA A 263 12.86 -2.28 3.33
N THR A 264 13.34 -1.32 2.55
CA THR A 264 14.18 -0.25 3.03
C THR A 264 13.46 0.70 4.01
N VAL A 265 12.27 1.18 3.64
CA VAL A 265 11.55 2.12 4.50
C VAL A 265 11.06 1.40 5.72
N HIS A 266 10.70 0.12 5.57
CA HIS A 266 10.29 -0.67 6.73
C HIS A 266 11.40 -0.71 7.77
N THR A 267 12.65 -0.71 7.29
CA THR A 267 13.84 -0.81 8.13
C THR A 267 14.07 0.48 8.90
N LEU A 268 13.92 1.63 8.23
CA LEU A 268 14.01 2.93 8.87
C LEU A 268 12.95 3.07 9.96
N LEU A 269 11.76 2.57 9.69
CA LEU A 269 10.66 2.68 10.64
C LEU A 269 10.95 1.83 11.85
N LEU A 270 11.44 0.61 11.63
CA LEU A 270 11.81 -0.26 12.72
C LEU A 270 12.89 0.44 13.53
N ARG A 271 13.90 0.97 12.84
CA ARG A 271 15.00 1.64 13.52
C ARG A 271 14.54 2.85 14.31
N GLU A 272 13.59 3.61 13.76
CA GLU A 272 13.07 4.74 14.49
C GLU A 272 12.38 4.32 15.79
N HIS A 273 11.62 3.24 15.79
CA HIS A 273 11.00 2.81 17.04
C HIS A 273 12.06 2.56 18.14
N ASN A 274 13.11 1.86 17.77
CA ASN A 274 14.10 1.52 18.76
C ASN A 274 14.82 2.79 19.24
N ARG A 275 15.12 3.69 18.32
CA ARG A 275 15.70 4.97 18.67
C ARG A 275 14.81 5.66 19.69
N LEU A 276 13.53 5.81 19.34
CA LEU A 276 12.56 6.42 20.23
C LEU A 276 12.56 5.75 21.58
N ALA A 277 12.51 4.42 21.62
CA ALA A 277 12.44 3.74 22.91
C ALA A 277 13.71 3.93 23.75
N ARG A 278 14.86 4.05 23.08
CA ARG A 278 16.08 4.33 23.84
C ARG A 278 15.99 5.74 24.42
N GLU A 279 15.67 6.71 23.58
CA GLU A 279 15.55 8.09 24.02
C GLU A 279 14.58 8.25 25.19
N LEU A 280 13.44 7.55 25.17
CA LEU A 280 12.47 7.66 26.27
C LEU A 280 12.97 6.94 27.53
N LYS A 281 13.97 6.07 27.39
CA LYS A 281 14.48 5.39 28.58
C LYS A 281 15.50 6.27 29.33
N ARG A 282 16.24 7.10 28.60
CA ARG A 282 17.17 8.06 29.20
C ARG A 282 16.39 9.14 29.93
N LEU A 283 15.25 9.50 29.36
CA LEU A 283 14.41 10.52 29.95
C LEU A 283 13.60 10.02 31.15
N ASN A 284 13.05 8.81 31.03
CA ASN A 284 12.21 8.24 32.06
C ASN A 284 12.73 6.86 32.43
N PRO A 285 13.76 6.87 33.26
CA PRO A 285 14.46 5.65 33.65
C PRO A 285 13.55 4.74 34.41
N HIS A 286 12.47 5.28 34.95
CA HIS A 286 11.56 4.47 35.74
C HIS A 286 10.44 3.78 34.94
N TRP A 287 10.30 4.10 33.65
CA TRP A 287 9.25 3.47 32.84
C TRP A 287 9.52 2.00 32.62
N ASP A 288 8.49 1.17 32.64
CA ASP A 288 8.68 -0.25 32.31
C ASP A 288 8.71 -0.49 30.78
N GLY A 289 8.86 -1.75 30.39
CA GLY A 289 8.97 -2.12 29.00
C GLY A 289 7.70 -1.88 28.20
N GLU A 290 6.55 -2.16 28.81
CA GLU A 290 5.29 -1.98 28.13
C GLU A 290 5.08 -0.52 27.81
N MET A 291 5.38 0.34 28.77
CA MET A 291 5.16 1.77 28.56
C MET A 291 6.10 2.30 27.50
N LEU A 292 7.28 1.72 27.40
CA LEU A 292 8.27 2.22 26.44
C LEU A 292 7.78 1.89 25.03
N TYR A 293 7.32 0.66 24.86
CA TYR A 293 6.80 0.14 23.62
C TYR A 293 5.63 1.00 23.14
N GLN A 294 4.58 1.08 23.95
CA GLN A 294 3.39 1.85 23.63
C GLN A 294 3.68 3.32 23.36
N GLU A 295 4.56 3.93 24.15
CA GLU A 295 4.84 5.34 23.96
C GLU A 295 5.60 5.60 22.68
N ALA A 296 6.54 4.72 22.38
CA ALA A 296 7.33 4.87 21.15
C ALA A 296 6.40 4.67 19.93
N ARG A 297 5.59 3.64 20.04
CA ARG A 297 4.59 3.24 19.08
C ARG A 297 3.59 4.34 18.74
N LYS A 298 3.11 5.03 19.77
CA LYS A 298 2.15 6.13 19.64
C LYS A 298 2.83 7.27 18.86
N ILE A 299 4.06 7.59 19.23
CA ILE A 299 4.79 8.59 18.48
C ILE A 299 4.95 8.21 16.99
N LEU A 300 5.39 6.98 16.73
CA LEU A 300 5.59 6.52 15.37
C LEU A 300 4.28 6.62 14.56
N GLY A 301 3.13 6.49 15.24
CA GLY A 301 1.85 6.52 14.55
C GLY A 301 1.56 7.94 14.15
N ALA A 302 1.92 8.85 15.03
CA ALA A 302 1.73 10.27 14.76
C ALA A 302 2.66 10.76 13.67
N PHE A 303 3.88 10.22 13.59
CA PHE A 303 4.80 10.64 12.52
C PHE A 303 4.22 10.26 11.12
N ILE A 304 3.73 9.04 11.04
CA ILE A 304 3.13 8.57 9.79
C ILE A 304 1.86 9.36 9.40
N GLN A 305 1.02 9.69 10.36
CA GLN A 305 -0.16 10.46 10.02
C GLN A 305 0.21 11.87 9.56
N ILE A 306 1.25 12.43 10.18
CA ILE A 306 1.67 13.80 9.89
C ILE A 306 2.35 13.90 8.51
N ILE A 307 3.35 13.08 8.30
CA ILE A 307 3.97 13.08 7.01
C ILE A 307 2.89 12.87 5.92
N THR A 308 1.97 11.98 6.20
CA THR A 308 0.94 11.64 5.21
C THR A 308 0.02 12.81 4.92
N PHE A 309 -0.56 13.39 5.97
CA PHE A 309 -1.51 14.48 5.76
C PHE A 309 -0.90 15.85 5.47
N ARG A 310 0.28 16.10 5.97
CA ARG A 310 0.87 17.42 5.72
C ARG A 310 1.70 17.48 4.44
N ASP A 311 2.51 16.45 4.17
CA ASP A 311 3.41 16.48 3.00
C ASP A 311 3.01 15.64 1.76
N TYR A 312 2.33 14.52 1.96
CA TYR A 312 2.05 13.61 0.87
C TYR A 312 0.72 13.89 0.20
N LEU A 313 -0.36 13.88 0.97
CA LEU A 313 -1.69 14.08 0.39
C LEU A 313 -1.86 15.36 -0.45
N PRO A 314 -1.39 16.50 0.05
CA PRO A 314 -1.53 17.77 -0.71
C PRO A 314 -0.94 17.67 -2.10
N ILE A 315 0.09 16.84 -2.29
CA ILE A 315 0.67 16.77 -3.64
C ILE A 315 0.12 15.60 -4.47
N VAL A 316 -0.79 14.82 -3.90
CA VAL A 316 -1.45 13.81 -4.72
C VAL A 316 -2.74 14.46 -5.21
N LEU A 317 -3.47 15.09 -4.30
CA LEU A 317 -4.79 15.66 -4.57
C LEU A 317 -4.79 17.11 -5.14
N GLY A 318 -3.67 17.81 -5.02
CA GLY A 318 -3.55 19.15 -5.55
C GLY A 318 -4.69 20.09 -5.19
N SER A 319 -5.22 20.79 -6.17
CA SER A 319 -6.26 21.78 -5.92
C SER A 319 -7.52 21.20 -5.29
N GLU A 320 -7.65 19.87 -5.35
CA GLU A 320 -8.83 19.19 -4.83
C GLU A 320 -8.73 18.93 -3.35
N MET A 321 -7.54 19.14 -2.80
CA MET A 321 -7.28 18.81 -1.40
C MET A 321 -8.36 19.36 -0.45
N GLN A 322 -8.57 20.67 -0.48
CA GLN A 322 -9.46 21.30 0.47
C GLN A 322 -10.92 20.99 0.18
N LYS A 323 -11.18 20.63 -1.06
CA LYS A 323 -12.53 20.27 -1.44
C LYS A 323 -13.01 19.02 -0.69
N TRP A 324 -12.09 18.10 -0.43
CA TRP A 324 -12.43 16.81 0.17
C TRP A 324 -11.92 16.65 1.58
N ILE A 325 -10.92 17.44 1.95
CA ILE A 325 -10.34 17.33 3.28
C ILE A 325 -10.15 18.71 3.90
N PRO A 326 -11.18 19.21 4.53
CA PRO A 326 -11.11 20.51 5.20
C PRO A 326 -10.29 20.41 6.48
N PRO A 327 -9.91 21.55 7.06
CA PRO A 327 -9.11 21.54 8.29
C PRO A 327 -9.82 20.75 9.36
N TYR A 328 -9.04 20.08 10.19
CA TYR A 328 -9.55 19.26 11.28
C TYR A 328 -10.38 20.06 12.31
N GLN A 329 -11.55 19.53 12.67
CA GLN A 329 -12.45 20.16 13.61
C GLN A 329 -12.67 19.24 14.77
N GLY A 330 -11.87 18.19 14.86
CA GLY A 330 -12.05 17.25 15.96
C GLY A 330 -12.67 15.92 15.62
N TYR A 331 -12.62 15.02 16.56
CA TYR A 331 -13.14 13.67 16.40
C TYR A 331 -14.66 13.62 16.29
N ASN A 332 -15.13 12.89 15.28
CA ASN A 332 -16.55 12.73 15.07
C ASN A 332 -16.90 11.25 15.15
N ASN A 333 -17.53 10.84 16.25
CA ASN A 333 -17.84 9.42 16.46
C ASN A 333 -18.88 8.84 15.50
N SER A 334 -19.49 9.68 14.67
CA SER A 334 -20.51 9.28 13.73
C SER A 334 -19.97 8.90 12.36
N VAL A 335 -18.69 9.20 12.17
CA VAL A 335 -18.01 8.91 10.93
C VAL A 335 -17.54 7.46 10.91
N ASP A 336 -17.79 6.81 9.79
CA ASP A 336 -17.39 5.45 9.56
C ASP A 336 -15.92 5.42 9.12
N PRO A 337 -15.03 4.93 9.97
CA PRO A 337 -13.60 4.93 9.62
C PRO A 337 -13.20 3.74 8.72
N ARG A 338 -14.10 2.83 8.41
CA ARG A 338 -13.68 1.69 7.58
C ARG A 338 -13.11 2.03 6.20
N ILE A 339 -12.12 1.27 5.76
CA ILE A 339 -11.62 1.40 4.40
C ILE A 339 -12.67 0.74 3.50
N SER A 340 -13.05 1.40 2.42
CA SER A 340 -14.06 0.84 1.53
C SER A 340 -13.41 -0.07 0.53
N ASN A 341 -14.17 -1.01 -0.03
CA ASN A 341 -13.66 -1.88 -1.07
C ASN A 341 -13.08 -1.05 -2.25
N VAL A 342 -13.84 -0.10 -2.77
CA VAL A 342 -13.36 0.65 -3.94
C VAL A 342 -12.01 1.40 -3.72
N PHE A 343 -11.75 1.89 -2.50
CA PHE A 343 -10.50 2.58 -2.18
C PHE A 343 -9.28 1.69 -2.41
N THR A 344 -9.38 0.39 -2.14
CA THR A 344 -8.25 -0.48 -2.38
C THR A 344 -7.94 -0.59 -3.89
N PHE A 345 -8.83 -0.10 -4.75
CA PHE A 345 -8.44 -0.07 -6.14
C PHE A 345 -8.04 1.33 -6.51
N ALA A 346 -8.64 2.31 -5.87
CA ALA A 346 -8.33 3.65 -6.25
C ALA A 346 -6.89 3.96 -5.81
N PHE A 347 -6.48 3.41 -4.68
CA PHE A 347 -5.17 3.70 -4.16
C PHE A 347 -4.08 3.08 -5.00
N ARG A 348 -4.48 2.21 -5.94
CA ARG A 348 -3.55 1.60 -6.87
C ARG A 348 -3.14 2.52 -8.03
N PHE A 349 -3.46 3.82 -7.96
CA PHE A 349 -2.93 4.71 -8.98
C PHE A 349 -1.42 4.65 -8.90
N GLY A 350 -0.93 4.29 -7.72
CA GLY A 350 0.49 4.23 -7.50
C GLY A 350 1.27 3.33 -8.44
N HIS A 351 0.61 2.31 -8.97
CA HIS A 351 1.23 1.36 -9.86
C HIS A 351 1.74 2.06 -11.12
N MET A 352 1.16 3.20 -11.43
CA MET A 352 1.59 3.90 -12.62
C MET A 352 2.73 4.88 -12.35
N GLU A 353 3.17 4.91 -11.10
CA GLU A 353 4.21 5.82 -10.70
C GLU A 353 5.53 5.12 -10.51
N VAL A 354 5.58 3.82 -10.69
CA VAL A 354 6.80 3.05 -10.49
C VAL A 354 7.68 3.03 -11.76
N PRO A 355 8.92 3.47 -11.64
CA PRO A 355 9.85 3.50 -12.76
C PRO A 355 10.47 2.14 -13.02
N SER A 356 11.21 2.01 -14.13
CA SER A 356 11.83 0.73 -14.51
C SER A 356 13.09 0.34 -13.76
N THR A 357 13.75 1.30 -13.12
CA THR A 357 15.00 0.96 -12.44
C THR A 357 15.09 1.52 -11.02
N VAL A 358 16.06 0.98 -10.27
CA VAL A 358 16.38 1.48 -8.96
C VAL A 358 17.89 1.68 -8.85
N SER A 359 18.30 2.78 -8.27
CA SER A 359 19.70 3.07 -8.19
C SER A 359 20.27 3.11 -6.79
N ARG A 360 21.55 2.82 -6.72
CA ARG A 360 22.32 3.00 -5.53
C ARG A 360 23.34 4.12 -5.81
N LEU A 361 23.39 5.05 -4.87
CA LEU A 361 24.25 6.19 -5.00
C LEU A 361 25.27 6.19 -3.85
N ASP A 362 26.46 6.72 -4.07
CA ASP A 362 27.41 6.77 -2.98
C ASP A 362 27.25 8.08 -2.28
N GLU A 363 28.17 8.37 -1.39
CA GLU A 363 28.09 9.54 -0.55
C GLU A 363 28.17 10.87 -1.27
N ASN A 364 28.73 10.89 -2.48
CA ASN A 364 28.70 12.11 -3.27
C ASN A 364 27.49 12.06 -4.18
N TYR A 365 26.61 11.10 -3.94
CA TYR A 365 25.42 10.91 -4.76
C TYR A 365 25.76 10.58 -6.20
N GLN A 366 26.78 9.75 -6.37
CA GLN A 366 27.19 9.28 -7.67
C GLN A 366 27.01 7.76 -7.68
N PRO A 367 26.81 7.19 -8.85
CA PRO A 367 26.66 5.75 -9.01
C PRO A 367 27.52 4.94 -8.05
N TRP A 368 26.88 4.03 -7.33
CA TRP A 368 27.58 3.17 -6.39
C TRP A 368 27.94 1.87 -7.08
N GLY A 369 29.22 1.73 -7.45
CA GLY A 369 29.70 0.53 -8.11
C GLY A 369 29.34 0.41 -9.59
N PRO A 370 29.72 -0.73 -10.18
CA PRO A 370 29.53 -1.03 -11.60
C PRO A 370 28.12 -1.51 -11.96
N GLU A 371 27.35 -1.88 -10.96
CA GLU A 371 26.00 -2.35 -11.24
C GLU A 371 25.04 -1.49 -10.40
N ALA A 372 25.25 -0.17 -10.49
CA ALA A 372 24.51 0.78 -9.68
C ALA A 372 23.01 0.83 -9.96
N GLU A 373 22.63 0.82 -11.23
CA GLU A 373 21.26 0.93 -11.62
C GLU A 373 20.76 -0.43 -12.02
N LEU A 374 19.65 -0.87 -11.43
CA LEU A 374 19.17 -2.22 -11.67
C LEU A 374 17.73 -2.21 -12.14
N PRO A 375 17.36 -3.16 -12.99
CA PRO A 375 15.97 -3.27 -13.43
C PRO A 375 15.13 -3.76 -12.27
N LEU A 376 13.96 -3.14 -12.15
CA LEU A 376 13.03 -3.37 -11.07
C LEU A 376 12.71 -4.84 -10.91
N HIS A 377 12.49 -5.54 -12.02
CA HIS A 377 12.10 -6.93 -11.88
C HIS A 377 13.13 -7.79 -11.14
N THR A 378 14.39 -7.40 -11.06
CA THR A 378 15.27 -8.25 -10.29
C THR A 378 15.26 -7.88 -8.80
N LEU A 379 14.38 -6.97 -8.38
CA LEU A 379 14.38 -6.51 -6.98
C LEU A 379 13.16 -6.93 -6.17
N PHE A 380 12.26 -7.67 -6.80
CA PHE A 380 11.10 -8.27 -6.16
C PHE A 380 11.60 -9.37 -5.21
N PHE A 381 11.26 -9.25 -3.95
CA PHE A 381 11.62 -10.28 -2.99
C PHE A 381 13.11 -10.43 -2.87
N ASN A 382 13.78 -9.31 -3.09
CA ASN A 382 15.22 -9.30 -3.08
C ASN A 382 15.76 -8.60 -1.85
N THR A 383 16.16 -9.36 -0.86
CA THR A 383 16.77 -8.79 0.32
C THR A 383 18.28 -8.97 0.24
N TRP A 384 18.76 -9.83 -0.64
CA TRP A 384 20.22 -10.06 -0.70
C TRP A 384 21.02 -8.86 -1.20
N ARG A 385 20.44 -8.05 -2.07
CA ARG A 385 21.11 -6.85 -2.53
C ARG A 385 21.24 -5.83 -1.40
N ILE A 386 20.42 -5.98 -0.37
CA ILE A 386 20.55 -5.12 0.77
C ILE A 386 21.65 -5.63 1.69
N ILE A 387 21.43 -6.81 2.27
CA ILE A 387 22.33 -7.39 3.23
C ILE A 387 23.72 -7.55 2.67
N LYS A 388 23.80 -8.04 1.43
CA LYS A 388 25.10 -8.36 0.86
C LYS A 388 25.66 -7.36 -0.11
N ASP A 389 25.03 -6.20 -0.26
CA ASP A 389 25.51 -5.30 -1.30
C ASP A 389 25.37 -3.82 -0.99
N GLY A 390 25.88 -3.41 0.18
CA GLY A 390 25.84 -2.02 0.57
C GLY A 390 24.97 -1.57 1.73
N GLY A 391 24.08 -2.40 2.26
CA GLY A 391 23.16 -1.91 3.29
C GLY A 391 22.11 -0.93 2.71
N ILE A 392 21.42 -0.15 3.53
CA ILE A 392 20.34 0.68 2.94
C ILE A 392 20.69 2.09 2.51
N ASP A 393 21.84 2.59 2.93
CA ASP A 393 22.22 3.97 2.62
C ASP A 393 22.22 4.33 1.15
N PRO A 394 22.86 3.54 0.31
CA PRO A 394 22.86 3.81 -1.12
C PRO A 394 21.46 3.75 -1.75
N LEU A 395 20.57 2.96 -1.15
CA LEU A 395 19.19 2.86 -1.59
C LEU A 395 18.42 4.10 -1.19
N VAL A 396 18.67 4.52 0.05
CA VAL A 396 18.06 5.71 0.60
C VAL A 396 18.42 6.94 -0.23
N ARG A 397 19.67 7.06 -0.63
CA ARG A 397 20.05 8.22 -1.43
C ARG A 397 19.33 8.17 -2.80
N GLY A 398 19.14 6.96 -3.32
CA GLY A 398 18.42 6.83 -4.57
C GLY A 398 17.02 7.36 -4.41
N LEU A 399 16.37 7.02 -3.31
CA LEU A 399 14.98 7.45 -3.06
C LEU A 399 14.88 8.97 -3.08
N LEU A 400 15.92 9.64 -2.64
CA LEU A 400 15.89 11.09 -2.57
C LEU A 400 16.26 11.74 -3.89
N ALA A 401 17.25 11.20 -4.57
CA ALA A 401 17.78 11.83 -5.76
C ALA A 401 17.15 11.42 -7.09
N LYS A 402 16.43 10.31 -7.12
CA LYS A 402 15.82 9.86 -8.35
C LYS A 402 14.37 10.30 -8.36
N ASN A 403 13.71 10.13 -9.51
CA ASN A 403 12.34 10.55 -9.69
C ASN A 403 11.37 9.39 -9.71
N SER A 404 10.10 9.68 -9.48
CA SER A 404 9.04 8.68 -9.65
C SER A 404 8.75 8.73 -11.13
N LYS A 405 8.01 7.72 -11.62
CA LYS A 405 7.51 7.72 -12.96
C LYS A 405 6.25 8.59 -12.91
N LEU A 406 6.00 9.33 -13.98
CA LEU A 406 4.81 10.15 -14.12
C LEU A 406 3.69 9.35 -14.82
N MET A 407 2.48 9.44 -14.29
CA MET A 407 1.35 8.83 -15.00
C MET A 407 1.22 9.50 -16.35
N ASN A 408 1.08 8.68 -17.37
CA ASN A 408 0.96 9.19 -18.74
C ASN A 408 -0.07 8.35 -19.50
N GLN A 409 -1.10 8.99 -20.02
CA GLN A 409 -2.14 8.25 -20.75
C GLN A 409 -1.61 7.28 -21.81
N ASN A 410 -0.48 7.63 -22.45
CA ASN A 410 0.16 6.77 -23.46
C ASN A 410 1.21 5.83 -22.89
N LYS A 411 1.60 6.02 -21.64
CA LYS A 411 2.62 5.15 -21.04
C LYS A 411 2.24 4.83 -19.61
N MET A 412 1.29 3.94 -19.42
CA MET A 412 0.79 3.65 -18.08
C MET A 412 1.66 2.87 -17.09
N VAL A 413 1.93 1.62 -17.38
CA VAL A 413 2.62 0.83 -16.40
C VAL A 413 3.81 0.14 -17.04
N THR A 414 4.99 0.39 -16.47
CA THR A 414 6.22 -0.19 -16.98
C THR A 414 6.17 -1.70 -17.11
N SER A 415 6.84 -2.15 -18.16
CA SER A 415 6.97 -3.55 -18.43
C SER A 415 7.63 -4.34 -17.31
N GLU A 416 8.36 -3.67 -16.42
CA GLU A 416 8.89 -4.37 -15.28
C GLU A 416 7.72 -4.95 -14.43
N LEU A 417 6.61 -4.25 -14.41
CA LEU A 417 5.49 -4.76 -13.63
C LEU A 417 4.46 -5.46 -14.52
N ARG A 418 4.34 -5.02 -15.77
CA ARG A 418 3.29 -5.52 -16.67
C ARG A 418 3.56 -6.87 -17.35
N ASN A 419 4.84 -7.22 -17.45
CA ASN A 419 5.27 -8.46 -18.11
C ASN A 419 6.14 -9.38 -17.24
N LYS A 420 6.80 -8.76 -16.27
CA LYS A 420 7.87 -9.40 -15.47
C LYS A 420 7.68 -9.46 -13.94
N LEU A 421 6.47 -9.26 -13.48
CA LEU A 421 6.18 -9.33 -12.06
C LEU A 421 6.44 -10.73 -11.51
N PHE A 422 6.96 -10.79 -10.29
CA PHE A 422 7.18 -12.04 -9.60
C PHE A 422 6.19 -12.22 -8.47
N GLN A 423 5.45 -13.32 -8.50
CA GLN A 423 4.46 -13.59 -7.48
C GLN A 423 5.04 -14.58 -6.48
N PRO A 424 4.99 -14.24 -5.20
CA PRO A 424 5.68 -15.00 -4.15
C PRO A 424 5.44 -16.52 -4.16
N THR A 425 4.37 -16.98 -4.80
CA THR A 425 4.03 -18.40 -4.77
C THR A 425 4.52 -19.19 -5.97
N HIS A 426 4.69 -18.49 -7.09
CA HIS A 426 5.07 -19.14 -8.31
C HIS A 426 6.55 -18.95 -8.53
N LYS A 427 7.05 -19.26 -9.72
CA LYS A 427 8.50 -19.24 -9.89
C LYS A 427 8.98 -18.41 -11.03
N VAL A 428 8.07 -17.78 -11.76
CA VAL A 428 8.49 -17.01 -12.92
C VAL A 428 8.41 -15.50 -12.72
N HIS A 429 9.25 -14.76 -13.41
CA HIS A 429 9.13 -13.32 -13.43
C HIS A 429 8.34 -13.06 -14.70
N GLY A 430 7.05 -13.38 -14.67
CA GLY A 430 6.27 -13.35 -15.86
C GLY A 430 4.85 -12.90 -15.68
N PHE A 431 4.52 -12.40 -14.52
CA PHE A 431 3.17 -11.98 -14.29
C PHE A 431 2.91 -10.53 -14.72
N ASP A 432 1.64 -10.16 -14.70
CA ASP A 432 1.15 -8.82 -15.10
C ASP A 432 0.24 -8.16 -14.04
N LEU A 433 0.82 -7.23 -13.30
CA LEU A 433 0.13 -6.48 -12.26
C LEU A 433 -1.16 -5.75 -12.73
N ALA A 434 -1.06 -5.04 -13.85
CA ALA A 434 -2.21 -4.41 -14.48
C ALA A 434 -3.34 -5.37 -14.72
N ALA A 435 -3.03 -6.48 -15.38
CA ALA A 435 -4.07 -7.47 -15.64
C ALA A 435 -4.64 -7.96 -14.33
N ILE A 436 -3.79 -8.09 -13.32
CA ILE A 436 -4.22 -8.54 -12.00
C ILE A 436 -5.15 -7.49 -11.37
N ASN A 437 -4.83 -6.21 -11.49
CA ASN A 437 -5.69 -5.16 -10.99
C ASN A 437 -7.08 -5.28 -11.61
N LEU A 438 -7.15 -5.50 -12.93
CA LEU A 438 -8.43 -5.63 -13.64
C LEU A 438 -9.18 -6.86 -13.18
N GLN A 439 -8.50 -8.01 -13.15
CA GLN A 439 -9.14 -9.24 -12.67
C GLN A 439 -9.69 -9.04 -11.24
N ARG A 440 -8.89 -8.43 -10.37
CA ARG A 440 -9.31 -8.17 -9.00
C ARG A 440 -10.55 -7.27 -8.89
N CYS A 441 -10.67 -6.23 -9.71
CA CYS A 441 -11.89 -5.39 -9.61
C CYS A 441 -13.10 -6.28 -9.76
N ARG A 442 -13.03 -7.20 -10.70
CA ARG A 442 -14.13 -8.11 -11.00
C ARG A 442 -14.34 -9.06 -9.84
N ASP A 443 -13.24 -9.59 -9.31
CA ASP A 443 -13.28 -10.51 -8.19
C ASP A 443 -14.00 -9.82 -7.02
N HIS A 444 -13.71 -8.55 -6.84
CA HIS A 444 -14.26 -7.84 -5.70
C HIS A 444 -15.65 -7.24 -5.90
N GLY A 445 -16.31 -7.54 -7.02
CA GLY A 445 -17.64 -7.02 -7.24
C GLY A 445 -17.71 -5.52 -7.49
N MET A 446 -16.71 -4.90 -8.07
CA MET A 446 -16.79 -3.46 -8.27
C MET A 446 -17.83 -3.01 -9.29
N PRO A 447 -18.57 -1.98 -8.95
CA PRO A 447 -19.37 -1.25 -9.94
C PRO A 447 -18.48 -0.64 -11.01
N GLY A 448 -19.08 -0.27 -12.13
CA GLY A 448 -18.32 0.26 -13.23
C GLY A 448 -17.96 1.72 -13.09
N TYR A 449 -17.19 2.21 -14.05
CA TYR A 449 -16.69 3.57 -14.04
C TYR A 449 -17.79 4.62 -13.85
N ASN A 450 -18.90 4.47 -14.59
CA ASN A 450 -19.97 5.48 -14.57
C ASN A 450 -20.71 5.50 -13.24
N SER A 451 -20.82 4.33 -12.62
CA SER A 451 -21.44 4.27 -11.33
C SER A 451 -20.60 5.14 -10.39
N TRP A 452 -19.27 5.07 -10.47
CA TRP A 452 -18.44 5.88 -9.56
C TRP A 452 -18.40 7.34 -9.97
N ARG A 453 -18.46 7.63 -11.26
CA ARG A 453 -18.54 9.02 -11.69
C ARG A 453 -19.78 9.65 -11.02
N GLY A 454 -20.90 8.92 -10.99
CA GLY A 454 -22.15 9.38 -10.41
C GLY A 454 -22.04 9.56 -8.91
N PHE A 455 -21.45 8.56 -8.27
CA PHE A 455 -21.23 8.65 -6.82
C PHE A 455 -20.49 9.92 -6.44
N CYS A 456 -19.59 10.36 -7.32
CA CYS A 456 -18.75 11.49 -7.03
C CYS A 456 -19.33 12.76 -7.59
N GLY A 457 -20.59 12.71 -8.03
CA GLY A 457 -21.25 13.87 -8.58
C GLY A 457 -20.62 14.40 -9.86
N LEU A 458 -20.04 13.52 -10.69
CA LEU A 458 -19.43 13.89 -11.97
C LEU A 458 -20.22 13.35 -13.16
N SER A 459 -20.03 13.92 -14.33
CA SER A 459 -20.80 13.49 -15.48
C SER A 459 -20.50 12.05 -15.87
N GLN A 460 -21.48 11.37 -16.44
CA GLN A 460 -21.31 9.98 -16.78
C GLN A 460 -21.31 9.89 -18.26
N PRO A 461 -20.14 9.54 -18.86
CA PRO A 461 -20.07 9.37 -20.37
C PRO A 461 -20.96 8.37 -21.05
N LYS A 462 -21.86 8.79 -21.91
CA LYS A 462 -22.63 7.72 -22.51
C LYS A 462 -22.15 7.42 -23.90
N THR A 463 -21.43 8.40 -24.42
CA THR A 463 -20.87 8.21 -25.74
C THR A 463 -19.33 8.36 -25.90
N LEU A 464 -18.80 7.83 -27.02
CA LEU A 464 -17.40 7.91 -27.44
C LEU A 464 -17.01 9.38 -27.37
N LYS A 465 -17.88 10.22 -27.95
CA LYS A 465 -17.66 11.65 -27.96
C LYS A 465 -17.61 12.18 -26.53
N GLY A 466 -18.50 11.67 -25.69
CA GLY A 466 -18.46 12.06 -24.29
C GLY A 466 -17.18 11.57 -23.60
N LEU A 467 -16.74 10.35 -23.89
CA LEU A 467 -15.56 9.80 -23.21
C LEU A 467 -14.33 10.54 -23.67
N GLN A 468 -14.33 10.90 -24.96
CA GLN A 468 -13.25 11.73 -25.50
C GLN A 468 -13.09 13.00 -24.69
N ALA A 469 -14.20 13.72 -24.49
CA ALA A 469 -14.17 14.98 -23.76
C ALA A 469 -13.70 14.82 -22.31
N VAL A 470 -14.12 13.74 -21.64
CA VAL A 470 -13.72 13.52 -20.24
C VAL A 470 -12.25 13.09 -20.17
N LEU A 471 -11.83 12.19 -21.05
CA LEU A 471 -10.44 11.76 -20.99
C LEU A 471 -9.50 12.77 -21.61
N LYS A 472 -10.07 13.68 -22.40
CA LYS A 472 -9.28 14.66 -23.12
C LYS A 472 -8.28 13.97 -24.02
N ASN A 473 -8.73 12.88 -24.61
CA ASN A 473 -7.85 12.12 -25.47
C ASN A 473 -8.66 11.25 -26.44
N LYS A 474 -8.61 11.59 -27.73
CA LYS A 474 -9.40 10.83 -28.72
C LYS A 474 -9.04 9.35 -28.81
N VAL A 475 -7.75 9.07 -28.94
CA VAL A 475 -7.24 7.73 -29.15
C VAL A 475 -7.48 6.80 -27.96
N LEU A 476 -7.19 7.25 -26.74
CA LEU A 476 -7.44 6.46 -25.54
C LEU A 476 -8.94 6.15 -25.45
N ALA A 477 -9.75 7.18 -25.60
CA ALA A 477 -11.20 6.93 -25.56
C ALA A 477 -11.67 5.82 -26.51
N LYS A 478 -11.14 5.80 -27.73
CA LYS A 478 -11.59 4.85 -28.73
C LYS A 478 -11.14 3.39 -28.52
N LYS A 479 -9.91 3.20 -28.07
CA LYS A 479 -9.44 1.84 -27.81
C LYS A 479 -10.20 1.29 -26.62
N LEU A 480 -10.45 2.15 -25.68
CA LEU A 480 -11.16 1.78 -24.49
C LEU A 480 -12.58 1.26 -24.87
N LEU A 481 -13.31 2.01 -25.71
CA LEU A 481 -14.64 1.59 -26.16
C LEU A 481 -14.66 0.46 -27.18
N ASP A 482 -13.58 0.31 -27.95
CA ASP A 482 -13.46 -0.84 -28.84
C ASP A 482 -13.40 -2.08 -27.94
N LEU A 483 -12.83 -1.94 -26.75
CA LEU A 483 -12.77 -3.09 -25.84
C LEU A 483 -14.00 -3.25 -24.97
N TYR A 484 -14.53 -2.16 -24.43
CA TYR A 484 -15.64 -2.28 -23.45
C TYR A 484 -17.00 -2.04 -24.02
N LYS A 485 -17.10 -1.33 -25.10
CA LYS A 485 -18.42 -1.23 -25.71
C LYS A 485 -19.48 -0.49 -24.93
N THR A 486 -19.03 0.28 -24.00
CA THR A 486 -19.83 1.20 -23.24
C THR A 486 -19.01 1.58 -22.07
N PRO A 487 -19.11 2.86 -21.76
CA PRO A 487 -18.39 3.41 -20.58
C PRO A 487 -18.77 2.80 -19.27
N ASP A 488 -20.00 2.29 -19.26
CA ASP A 488 -20.55 1.66 -18.08
C ASP A 488 -19.81 0.40 -17.66
N ASN A 489 -19.12 -0.24 -18.60
CA ASN A 489 -18.45 -1.48 -18.28
C ASN A 489 -16.95 -1.35 -17.94
N ILE A 490 -16.40 -0.16 -18.13
CA ILE A 490 -14.99 0.12 -17.83
C ILE A 490 -14.68 -0.12 -16.37
N ASP A 491 -13.73 -1.00 -16.11
CA ASP A 491 -13.29 -1.33 -14.76
C ASP A 491 -12.75 -0.08 -14.05
N ILE A 492 -13.18 0.08 -12.80
CA ILE A 492 -12.82 1.29 -12.02
C ILE A 492 -11.34 1.65 -12.06
N TRP A 493 -10.47 0.68 -11.93
CA TRP A 493 -9.02 0.95 -11.95
C TRP A 493 -8.46 1.64 -13.22
N ILE A 494 -8.84 1.13 -14.38
CA ILE A 494 -8.34 1.66 -15.64
C ILE A 494 -9.10 2.97 -15.91
N GLY A 495 -10.39 3.04 -15.58
CA GLY A 495 -11.17 4.24 -15.83
C GLY A 495 -10.68 5.40 -14.99
N GLY A 496 -10.52 5.13 -13.70
CA GLY A 496 -10.05 6.14 -12.78
C GLY A 496 -8.72 6.71 -13.18
N ASN A 497 -7.76 5.84 -13.47
CA ASN A 497 -6.41 6.27 -13.82
C ASN A 497 -6.25 6.86 -15.23
N ALA A 498 -7.28 6.74 -16.07
CA ALA A 498 -7.21 7.27 -17.42
C ALA A 498 -7.51 8.77 -17.48
N GLU A 499 -8.13 9.30 -16.43
CA GLU A 499 -8.49 10.71 -16.41
C GLU A 499 -7.25 11.59 -16.29
N PRO A 500 -7.24 12.77 -16.91
CA PRO A 500 -6.11 13.68 -16.78
C PRO A 500 -6.06 14.20 -15.34
N MET A 501 -4.87 14.55 -14.90
CA MET A 501 -4.62 15.02 -13.55
C MET A 501 -5.10 16.44 -13.26
N VAL A 502 -5.78 16.58 -12.14
CA VAL A 502 -6.15 17.88 -11.62
C VAL A 502 -4.89 18.70 -11.36
N GLU A 503 -5.05 20.03 -11.47
CA GLU A 503 -4.06 21.04 -11.21
C GLU A 503 -3.28 20.73 -9.92
N ARG A 504 -1.95 20.76 -10.02
CA ARG A 504 -1.02 20.55 -8.90
C ARG A 504 -1.21 19.22 -8.18
N GLY A 505 -1.79 18.26 -8.87
CA GLY A 505 -2.02 16.95 -8.28
C GLY A 505 -1.46 15.84 -9.17
N ARG A 506 -1.78 14.60 -8.80
CA ARG A 506 -1.27 13.45 -9.51
C ARG A 506 -2.33 12.40 -9.80
N VAL A 507 -3.57 12.72 -9.45
CA VAL A 507 -4.71 11.89 -9.84
C VAL A 507 -5.81 12.79 -10.44
N GLY A 508 -6.69 12.22 -11.24
CA GLY A 508 -7.79 12.92 -11.85
C GLY A 508 -8.95 13.16 -10.89
N PRO A 509 -10.03 13.73 -11.40
CA PRO A 509 -11.19 14.10 -10.58
C PRO A 509 -11.88 12.94 -9.88
N LEU A 510 -12.03 11.82 -10.55
CA LEU A 510 -12.69 10.68 -9.93
C LEU A 510 -11.84 10.15 -8.79
N LEU A 511 -10.56 9.95 -9.04
CA LEU A 511 -9.73 9.35 -8.01
C LEU A 511 -9.57 10.31 -6.83
N ALA A 512 -9.48 11.59 -7.12
CA ALA A 512 -9.39 12.60 -6.10
C ALA A 512 -10.59 12.54 -5.17
N CYS A 513 -11.76 12.24 -5.70
CA CYS A 513 -12.98 12.11 -4.86
C CYS A 513 -12.92 10.84 -3.99
N LEU A 514 -12.68 9.68 -4.61
CA LEU A 514 -12.56 8.42 -3.88
C LEU A 514 -11.47 8.49 -2.80
N LEU A 515 -10.26 8.85 -3.21
CA LEU A 515 -9.17 9.07 -2.26
C LEU A 515 -9.53 10.07 -1.17
N GLY A 516 -9.92 11.25 -1.60
CA GLY A 516 -10.29 12.33 -0.71
C GLY A 516 -11.32 11.92 0.34
N ARG A 517 -12.47 11.40 -0.05
CA ARG A 517 -13.41 11.07 1.00
C ARG A 517 -12.92 9.99 1.95
N GLN A 518 -12.16 9.03 1.44
CA GLN A 518 -11.67 7.99 2.31
C GLN A 518 -10.73 8.54 3.39
N PHE A 519 -9.83 9.43 2.97
CA PHE A 519 -8.84 9.98 3.88
C PHE A 519 -9.46 10.85 4.93
N GLN A 520 -10.47 11.62 4.51
CA GLN A 520 -11.24 12.45 5.42
C GLN A 520 -11.88 11.60 6.54
N GLN A 521 -12.42 10.46 6.15
CA GLN A 521 -13.05 9.54 7.09
C GLN A 521 -12.11 8.89 8.11
N ILE A 522 -10.93 8.46 7.68
CA ILE A 522 -10.01 7.83 8.63
C ILE A 522 -9.38 8.83 9.60
N ARG A 523 -9.30 10.08 9.21
CA ARG A 523 -8.80 11.11 10.09
C ARG A 523 -9.90 11.54 11.08
N ASP A 524 -11.09 11.84 10.56
CA ASP A 524 -12.23 12.29 11.41
C ASP A 524 -12.89 11.17 12.26
N GLY A 525 -12.68 9.91 11.89
CA GLY A 525 -13.29 8.81 12.60
C GLY A 525 -12.30 8.14 13.52
N ASP A 526 -11.13 8.76 13.66
CA ASP A 526 -10.08 8.21 14.50
C ASP A 526 -10.01 8.87 15.87
N ARG A 527 -10.37 8.12 16.91
CA ARG A 527 -10.30 8.65 18.26
C ARG A 527 -8.85 9.02 18.65
N PHE A 528 -7.90 8.34 18.06
CA PHE A 528 -6.51 8.56 18.38
C PHE A 528 -5.78 9.42 17.35
N TRP A 529 -6.54 10.13 16.51
CA TRP A 529 -5.92 11.09 15.62
C TRP A 529 -5.04 12.03 16.49
N TRP A 530 -3.80 12.29 16.07
CA TRP A 530 -2.81 13.03 16.86
C TRP A 530 -3.22 14.45 17.28
N GLU A 531 -4.04 15.11 16.47
CA GLU A 531 -4.51 16.48 16.76
C GLU A 531 -5.75 16.48 17.68
N ASN A 532 -6.32 15.31 17.94
CA ASN A 532 -7.50 15.28 18.82
C ASN A 532 -7.10 15.58 20.26
N PRO A 533 -7.73 16.57 20.90
CA PRO A 533 -7.29 16.96 22.25
C PRO A 533 -7.31 15.77 23.18
N GLY A 534 -6.29 15.61 24.00
CA GLY A 534 -6.27 14.51 24.95
C GLY A 534 -5.37 13.34 24.55
N VAL A 535 -5.03 13.22 23.26
CA VAL A 535 -4.19 12.13 22.79
C VAL A 535 -2.75 12.45 23.15
N PHE A 536 -2.32 13.65 22.76
CA PHE A 536 -1.02 14.16 23.11
C PHE A 536 -1.24 15.42 23.92
N THR A 537 -0.22 15.94 24.58
CA THR A 537 -0.43 17.22 25.25
C THR A 537 -0.05 18.26 24.23
N GLU A 538 -0.47 19.50 24.50
CA GLU A 538 -0.13 20.61 23.63
C GLU A 538 1.37 20.69 23.40
N LYS A 539 2.17 20.53 24.46
CA LYS A 539 3.61 20.64 24.30
C LYS A 539 4.13 19.52 23.44
N GLN A 540 3.49 18.36 23.56
CA GLN A 540 3.89 17.20 22.77
C GLN A 540 3.60 17.42 21.28
N ARG A 541 2.48 18.04 20.97
CA ARG A 541 2.12 18.34 19.59
C ARG A 541 2.98 19.45 18.96
N ASP A 542 3.49 20.36 19.78
CA ASP A 542 4.41 21.38 19.28
C ASP A 542 5.74 20.73 18.81
N SER A 543 6.14 19.63 19.44
CA SER A 543 7.33 18.91 18.98
C SER A 543 7.06 18.13 17.70
N LEU A 544 5.86 17.57 17.59
CA LEU A 544 5.51 16.67 16.49
C LEU A 544 5.35 17.37 15.17
N GLN A 545 4.98 18.64 15.21
CA GLN A 545 4.83 19.45 14.01
C GLN A 545 6.14 19.58 13.27
N LYS A 546 7.23 19.40 13.99
CA LYS A 546 8.53 19.58 13.38
C LYS A 546 9.11 18.33 12.75
N VAL A 547 8.39 17.21 12.76
CA VAL A 547 8.97 15.99 12.12
C VAL A 547 9.03 16.14 10.55
N SER A 548 9.83 15.31 9.84
CA SER A 548 10.03 15.27 8.39
C SER A 548 10.61 13.90 8.06
N PHE A 549 10.47 13.52 6.84
CA PHE A 549 11.08 12.30 6.46
C PHE A 549 12.61 12.52 6.45
N SER A 550 13.03 13.71 6.07
CA SER A 550 14.47 14.00 6.01
C SER A 550 15.13 13.77 7.36
N ARG A 551 14.46 14.09 8.46
CA ARG A 551 15.04 13.89 9.78
C ARG A 551 15.13 12.42 10.13
N LEU A 552 14.05 11.69 9.84
CA LEU A 552 14.03 10.24 9.99
C LEU A 552 15.30 9.58 9.38
N ILE A 553 15.73 10.05 8.21
CA ILE A 553 16.94 9.54 7.58
C ILE A 553 18.22 9.86 8.38
N CYS A 554 18.34 11.11 8.82
CA CYS A 554 19.52 11.56 9.57
C CYS A 554 19.71 10.82 10.90
N ASP A 555 18.61 10.50 11.57
CA ASP A 555 18.68 9.81 12.84
C ASP A 555 18.87 8.32 12.66
N ASN A 556 18.56 7.76 11.49
CA ASN A 556 18.62 6.29 11.34
C ASN A 556 19.46 5.77 10.21
N THR A 557 20.28 6.63 9.61
CA THR A 557 21.19 6.19 8.58
C THR A 557 22.54 6.88 8.78
N HIS A 558 23.38 6.81 7.76
CA HIS A 558 24.61 7.57 7.77
C HIS A 558 24.63 8.51 6.59
N ILE A 559 23.42 8.80 6.05
CA ILE A 559 23.27 9.76 5.00
C ILE A 559 23.42 11.08 5.70
N THR A 560 24.32 11.89 5.20
CA THR A 560 24.48 13.15 5.94
C THR A 560 24.06 14.38 5.13
N LYS A 561 23.62 14.13 3.93
CA LYS A 561 23.20 15.24 3.10
C LYS A 561 21.74 14.93 2.70
N VAL A 562 20.75 15.74 3.08
CA VAL A 562 19.39 15.48 2.64
C VAL A 562 18.68 16.76 2.21
N PRO A 563 17.60 16.64 1.46
CA PRO A 563 16.83 17.82 1.04
C PRO A 563 15.85 18.19 2.12
N LEU A 564 15.41 19.45 2.16
CA LEU A 564 14.45 19.89 3.17
C LEU A 564 13.03 19.43 2.84
N HIS A 565 12.75 19.20 1.56
CA HIS A 565 11.41 18.81 1.13
C HIS A 565 11.56 17.59 0.25
N ALA A 566 11.53 16.43 0.90
CA ALA A 566 11.91 15.17 0.30
C ALA A 566 10.98 14.59 -0.76
N PHE A 567 9.77 15.11 -0.84
CA PHE A 567 8.82 14.55 -1.79
C PHE A 567 8.93 15.14 -3.18
N GLN A 568 9.36 16.39 -3.26
CA GLN A 568 9.53 16.99 -4.57
C GLN A 568 10.85 16.53 -5.17
N ALA A 569 11.00 16.76 -6.47
CA ALA A 569 12.26 16.49 -7.17
C ALA A 569 13.42 17.34 -6.62
N ASN A 570 14.51 16.70 -6.24
CA ASN A 570 15.64 17.43 -5.65
C ASN A 570 16.95 17.14 -6.34
N ASN A 571 17.68 18.18 -6.69
CA ASN A 571 18.97 17.97 -7.36
C ASN A 571 20.16 18.10 -6.42
N TYR A 572 21.14 17.22 -6.61
CA TYR A 572 22.35 17.25 -5.80
C TYR A 572 23.49 17.99 -6.52
N PRO A 573 24.18 18.86 -5.78
CA PRO A 573 23.84 19.15 -4.38
C PRO A 573 23.08 20.44 -4.10
N HIS A 574 22.64 21.17 -5.11
CA HIS A 574 21.99 22.46 -4.84
C HIS A 574 20.91 22.37 -3.79
N ASP A 575 20.01 21.40 -3.95
CA ASP A 575 18.89 21.23 -3.03
C ASP A 575 19.22 20.33 -1.83
N PHE A 576 20.47 19.99 -1.60
CA PHE A 576 20.76 19.15 -0.44
C PHE A 576 21.51 19.93 0.64
N VAL A 577 21.03 19.84 1.87
CA VAL A 577 21.67 20.49 3.00
C VAL A 577 22.28 19.45 3.97
N ASP A 578 23.07 19.92 4.91
CA ASP A 578 23.61 19.04 5.95
C ASP A 578 22.53 18.75 6.98
N CYS A 579 22.56 17.56 7.54
CA CYS A 579 21.56 17.16 8.53
C CYS A 579 21.31 18.13 9.68
N SER A 580 22.34 18.88 10.04
CA SER A 580 22.24 19.80 11.16
C SER A 580 21.24 20.92 10.93
N ALA A 581 20.95 21.20 9.67
CA ALA A 581 20.03 22.28 9.34
C ALA A 581 18.56 21.82 9.44
N VAL A 582 18.35 20.51 9.59
CA VAL A 582 17.00 19.98 9.65
C VAL A 582 16.49 19.83 11.08
N ASP A 583 15.27 20.26 11.35
CA ASP A 583 14.74 20.21 12.71
C ASP A 583 14.71 18.81 13.30
N LYS A 584 15.07 18.69 14.56
CA LYS A 584 14.96 17.42 15.26
C LYS A 584 13.62 17.34 15.97
N LEU A 585 13.28 16.13 16.40
CA LEU A 585 12.10 15.92 17.19
C LEU A 585 12.52 15.99 18.65
N ASP A 586 12.01 16.99 19.34
CA ASP A 586 12.36 17.19 20.73
C ASP A 586 11.47 16.39 21.67
N LEU A 587 12.06 15.49 22.42
CA LEU A 587 11.29 14.66 23.32
C LEU A 587 11.19 15.14 24.78
N SER A 588 11.71 16.32 25.12
CA SER A 588 11.58 16.70 26.55
C SER A 588 10.13 16.67 27.10
N PRO A 589 9.15 17.06 26.28
CA PRO A 589 7.74 17.02 26.65
C PRO A 589 7.25 15.64 27.09
N TRP A 590 8.03 14.59 26.83
CA TRP A 590 7.66 13.26 27.26
C TRP A 590 8.34 12.90 28.57
N ALA A 591 9.11 13.85 29.08
CA ALA A 591 9.71 13.69 30.40
C ALA A 591 8.56 13.66 31.39
N SER A 592 8.48 12.56 32.12
CA SER A 592 7.46 12.39 33.13
C SER A 592 8.13 12.56 34.49
N ARG A 593 7.45 13.26 35.39
CA ARG A 593 7.97 13.41 36.74
C ARG A 593 7.06 12.77 37.78
N GLU A 594 7.69 12.15 38.77
CA GLU A 594 6.99 11.37 39.78
C GLU A 594 6.07 12.15 40.73
N ASN A 595 6.62 12.64 41.83
CA ASN A 595 5.82 13.37 42.81
C ASN A 595 4.79 14.29 42.18
C1 NAG B . 7.31 21.19 -6.86
C2 NAG B . 7.06 22.56 -7.46
C3 NAG B . 6.85 23.67 -6.42
C4 NAG B . 5.89 23.28 -5.29
C5 NAG B . 6.19 21.84 -4.86
C6 NAG B . 5.17 21.32 -3.86
C7 NAG B . 7.81 23.24 -9.63
C8 NAG B . 8.97 23.53 -10.53
N2 NAG B . 8.13 22.93 -8.37
O3 NAG B . 6.31 24.81 -7.06
O4 NAG B . 6.01 24.26 -4.26
O5 NAG B . 6.25 20.94 -5.97
O6 NAG B . 4.17 20.66 -4.59
O7 NAG B . 6.65 23.29 -10.04
C1 NAG B . 4.91 24.36 -3.33
C2 NAG B . 5.52 24.65 -1.96
C3 NAG B . 4.90 25.90 -1.27
C4 NAG B . 3.37 26.08 -1.40
C5 NAG B . 2.87 25.40 -2.67
C6 NAG B . 1.64 26.15 -3.20
C7 NAG B . 6.48 23.03 -0.42
C8 NAG B . 6.15 22.30 0.85
N2 NAG B . 5.44 23.49 -1.10
O3 NAG B . 5.50 27.04 -1.83
O4 NAG B . 2.62 25.69 -0.24
O5 NAG B . 3.93 25.34 -3.63
O6 NAG B . 1.34 25.77 -4.53
O7 NAG B . 7.65 23.17 -0.77
C1 MAN B . 2.82 26.56 0.92
C2 MAN B . 1.71 27.63 1.05
C3 MAN B . 1.94 28.61 2.22
C4 MAN B . 3.40 28.69 2.64
C5 MAN B . 4.27 28.44 1.42
C6 MAN B . 5.74 28.77 1.70
O2 MAN B . 0.44 27.00 1.18
O3 MAN B . 1.15 28.26 3.34
O4 MAN B . 3.68 29.95 3.22
O5 MAN B . 4.15 27.08 1.03
O6 MAN B . 6.12 29.95 1.00
C1 NAG C . 16.83 -7.61 22.85
C2 NAG C . 17.70 -8.09 21.70
C3 NAG C . 19.12 -8.43 22.17
C4 NAG C . 19.70 -7.33 23.06
C5 NAG C . 18.69 -6.96 24.13
C6 NAG C . 19.19 -5.81 25.00
C7 NAG C . 16.63 -9.25 19.87
C8 NAG C . 16.09 -10.55 19.39
N2 NAG C . 17.08 -9.25 21.12
O3 NAG C . 19.95 -8.59 21.05
O4 NAG C . 20.93 -7.75 23.63
O5 NAG C . 17.50 -6.55 23.52
O6 NAG C . 19.55 -4.76 24.11
O7 NAG C . 16.66 -8.25 19.14
C1 NAG C . 22.04 -6.98 23.09
C2 NAG C . 23.16 -6.90 24.12
C3 NAG C . 24.38 -6.18 23.60
C4 NAG C . 24.84 -6.78 22.29
C5 NAG C . 23.67 -7.01 21.32
C6 NAG C . 24.11 -7.94 20.19
C7 NAG C . 22.51 -6.77 26.44
C8 NAG C . 22.29 -5.89 27.63
N2 NAG C . 22.76 -6.15 25.29
O3 NAG C . 25.39 -6.31 24.57
O4 NAG C . 25.81 -5.88 21.75
O5 NAG C . 22.53 -7.60 21.94
O6 NAG C . 23.09 -8.84 19.77
O7 NAG C . 22.44 -8.01 26.52
C1 MAN C . 27.15 -6.39 21.95
C2 MAN C . 28.07 -5.28 22.42
C3 MAN C . 29.40 -5.85 22.89
C4 MAN C . 29.61 -7.25 22.35
C5 MAN C . 29.03 -7.47 20.94
C6 MAN C . 29.06 -8.96 20.57
O2 MAN C . 27.47 -4.56 23.48
O3 MAN C . 29.44 -5.88 24.31
O4 MAN C . 31.01 -7.51 22.34
O5 MAN C . 27.70 -6.99 20.79
O6 MAN C . 29.75 -9.15 19.35
C1 NAG D . 23.52 -14.36 -5.70
C2 NAG D . 23.89 -13.63 -6.98
C3 NAG D . 25.40 -13.50 -7.11
C4 NAG D . 26.05 -12.96 -5.85
C5 NAG D . 25.43 -13.55 -4.58
C6 NAG D . 25.85 -12.63 -3.44
C7 NAG D . 22.32 -13.98 -8.79
C8 NAG D . 21.95 -14.77 -10.01
N2 NAG D . 23.43 -14.33 -8.15
O3 NAG D . 25.62 -12.58 -8.13
O4 NAG D . 27.44 -13.19 -5.88
O5 NAG D . 24.02 -13.58 -4.66
O6 NAG D . 25.42 -13.15 -2.23
O7 NAG D . 21.58 -13.06 -8.43
C1 NAG D . 28.18 -12.08 -5.36
C2 NAG D . 29.61 -12.52 -5.04
C3 NAG D . 30.44 -11.29 -4.78
C4 NAG D . 30.66 -10.59 -6.12
C5 NAG D . 29.38 -10.69 -6.97
C6 NAG D . 29.53 -11.69 -8.14
C7 NAG D . 29.81 -14.75 -4.13
C8 NAG D . 30.19 -15.64 -2.97
N2 NAG D . 29.70 -13.44 -3.91
O3 NAG D . 31.66 -11.71 -4.20
O4 NAG D . 31.08 -9.24 -5.93
O5 NAG D . 28.21 -10.98 -6.22
O6 NAG D . 28.77 -11.32 -9.28
O7 NAG D . 29.63 -15.24 -5.24
C1 MAN D . 32.51 -9.06 -6.19
C2 MAN D . 32.85 -9.58 -7.60
C3 MAN D . 34.27 -10.17 -7.68
C4 MAN D . 35.19 -9.37 -6.76
C5 MAN D . 34.76 -9.54 -5.30
C6 MAN D . 35.34 -8.45 -4.40
O2 MAN D . 32.72 -8.53 -8.54
O3 MAN D . 34.76 -10.14 -9.01
O4 MAN D . 36.54 -9.77 -6.96
O5 MAN D . 33.33 -9.61 -5.16
O6 MAN D . 34.33 -7.86 -3.60
C1 NAG E . -20.30 13.87 12.13
C2 NAG E . -20.86 15.26 12.30
C3 NAG E . -22.16 15.59 11.55
C4 NAG E . -22.61 14.60 10.45
C5 NAG E . -21.79 13.31 10.50
C6 NAG E . -22.05 12.36 9.31
C7 NAG E . -20.56 16.60 14.27
C8 NAG E . -20.87 16.80 15.73
N2 NAG E . -21.09 15.52 13.71
O3 NAG E . -22.07 16.91 11.04
O4 NAG E . -23.98 14.29 10.71
O5 NAG E . -20.41 13.59 10.75
O6 NAG E . -21.56 12.82 8.07
O7 NAG E . -19.84 17.40 13.65
C1 NAG E . -24.91 14.51 9.60
C2 NAG E . -25.22 15.99 9.43
C3 NAG E . -25.33 16.40 7.95
C4 NAG E . -26.10 15.35 7.14
C5 NAG E . -25.59 13.93 7.41
C6 NAG E . -25.07 13.27 6.13
C7 NAG E . -26.83 17.49 10.58
C8 NAG E . -28.05 18.11 9.99
N2 NAG E . -26.48 16.28 10.11
O3 NAG E . -24.06 16.63 7.36
O4 NAG E . -27.48 15.48 7.43
O5 NAG E . -24.55 13.91 8.38
O6 NAG E . -24.36 14.21 5.35
O7 NAG E . -26.21 18.07 11.46
CA CA F . -3.50 0.57 9.91
C CYN G . 1.61 -2.67 -3.42
N CYN G . 1.39 -3.45 -2.58
C CO3 H . 3.47 20.19 -9.55
O1 CO3 H . 2.46 20.00 -10.32
O2 CO3 H . 4.67 20.01 -10.01
O3 CO3 H . 3.25 20.55 -8.34
I IOD I . -17.26 -0.16 -2.50
I IOD J . -12.96 15.98 -27.58
I IOD K . -22.39 11.59 -23.65
I IOD L . 2.68 -15.90 15.13
I IOD M . -3.38 -8.52 -27.53
I IOD N . 25.69 11.26 2.16
I IOD O . 17.15 -13.10 12.69
I IOD P . 2.39 -6.08 -2.43
CHA HEM Q . -1.71 -4.28 -4.42
CHB HEM Q . 2.76 -4.90 -6.15
CHC HEM Q . 3.51 -0.15 -5.55
CHD HEM Q . -0.90 0.50 -3.86
C1A HEM Q . -0.59 -4.85 -4.95
C2A HEM Q . -0.46 -6.26 -5.25
C3A HEM Q . 0.78 -6.46 -5.73
C4A HEM Q . 1.46 -5.17 -5.74
CMA HEM Q . 1.32 -7.81 -6.22
CAA HEM Q . -1.60 -7.31 -5.09
CBA HEM Q . -2.40 -7.43 -6.38
CGA HEM Q . -3.64 -8.30 -6.27
O1A HEM Q . -3.50 -9.55 -6.08
O2A HEM Q . -4.79 -7.76 -6.41
C1B HEM Q . 3.38 -3.68 -6.10
C2B HEM Q . 4.77 -3.39 -6.38
C3B HEM Q . 4.97 -2.07 -6.20
C4B HEM Q . 3.70 -1.48 -5.82
CMB HEM Q . 5.84 -4.44 -6.75
CAB HEM Q . 6.29 -1.26 -6.35
CBB HEM Q . 7.24 -1.60 -7.25
C1C HEM Q . 2.39 0.43 -5.06
C2C HEM Q . 2.19 1.87 -4.89
C3C HEM Q . 0.99 2.02 -4.33
C4C HEM Q . 0.37 0.74 -4.28
CMC HEM Q . 3.29 2.94 -5.06
CAC HEM Q . 0.26 3.32 -3.90
CBC HEM Q . 0.73 4.55 -4.13
C1D HEM Q . -1.50 -0.74 -3.79
C2D HEM Q . -2.77 -0.98 -3.13
C3D HEM Q . -3.02 -2.47 -3.25
C4D HEM Q . -1.87 -2.97 -4.02
CMD HEM Q . -3.62 0.06 -2.41
CAD HEM Q . -4.25 -3.26 -2.72
CBD HEM Q . -3.87 -3.89 -1.38
CGD HEM Q . -5.06 -4.52 -0.68
O1D HEM Q . -5.96 -3.78 -0.20
O2D HEM Q . -5.13 -5.78 -0.62
NA HEM Q . 0.59 -4.21 -5.26
NB HEM Q . 2.75 -2.49 -5.78
NC HEM Q . 1.23 -0.23 -4.72
ND HEM Q . -1.02 -1.91 -4.32
FE HEM Q . 0.80 -2.19 -5.22
#